data_9DQ7
#
_entry.id   9DQ7
#
_cell.length_a   80.958
_cell.length_b   91.249
_cell.length_c   166.552
_cell.angle_alpha   90.00
_cell.angle_beta   90.00
_cell.angle_gamma   90.00
#
_symmetry.space_group_name_H-M   'P 21 21 21'
#
loop_
_entity.id
_entity.type
_entity.pdbx_description
1 polymer 'L-lactate dehydrogenase'
2 non-polymer '[[(2~{R},3~{S},4~{R},5~{R})-5-(5-aminocarbonyl-2~{H}-pyridin-1-yl)-3,4-bis(oxidanyl)oxolan-2-yl]methoxy-oxidanyl-phosphoryl] [(2~{R},3~{S},4~{R},5~{R})-5-(6-aminopurin-9-yl)-3,4-bis(oxidanyl)oxolan-2-yl]methyl hydrogen phosphate'
3 non-polymer 'OXAMIC ACID'
4 non-polymer 'CALCIUM ION'
5 non-polymer 1,6-di-O-phosphono-beta-D-fructofuranose
6 water water
#
_entity_poly.entity_id   1
_entity_poly.type   'polypeptide(L)'
_entity_poly.pdbx_seq_one_letter_code
;MLKSNKVVLIGAGGVGSSFAYALTIDNSLVHELVIIDVNENKAKGEVMDLNHGQMFLKKNINVLFGTYKDCANADIVVIT
AGLNQKPGETRLDLVDKNSKIFKDIITNVVSSGFDGIFVVASNPVDIMTYVTMKYSKFPIHKVIGTGTILDTSRLRYFLS
DHFNVNTQNIHSYIMGEHGDSSFATWDETKIAMKPLSEYLAEGKITELELDEIHKKVVNAAYEVIKLKGATYYAIGLGIK
NIVNAIIGDQNVILPISSYINGQYGGLIKDIYIGAPAIVCKEGVKEVLNFKISPKELDKFNSSANQLKSYIDKM
;
_entity_poly.pdbx_strand_id   P,A,B,C
#
# COMPACT_ATOMS: atom_id res chain seq x y z
N MET A 1 2.40 20.26 -17.78
CA MET A 1 2.28 18.85 -18.28
C MET A 1 2.88 17.88 -17.25
N LEU A 2 2.28 16.70 -17.13
CA LEU A 2 2.82 15.67 -16.27
C LEU A 2 3.99 14.97 -16.95
N LYS A 3 4.86 14.40 -16.13
CA LYS A 3 6.13 13.85 -16.58
C LYS A 3 6.16 12.34 -16.38
N SER A 4 7.04 11.69 -17.14
CA SER A 4 7.33 10.27 -17.00
C SER A 4 8.69 10.12 -16.32
N ASN A 5 8.70 9.51 -15.14
CA ASN A 5 9.90 9.41 -14.33
C ASN A 5 10.69 8.16 -14.73
N LYS A 6 11.99 8.32 -14.95
CA LYS A 6 12.81 7.28 -15.54
C LYS A 6 14.01 6.95 -14.65
N VAL A 7 14.16 5.66 -14.36
CA VAL A 7 15.28 5.12 -13.60
C VAL A 7 16.02 4.13 -14.49
N VAL A 8 17.33 4.31 -14.61
CA VAL A 8 18.19 3.39 -15.34
C VAL A 8 19.02 2.61 -14.34
N LEU A 9 18.89 1.28 -14.36
CA LEU A 9 19.67 0.39 -13.53
C LEU A 9 20.85 -0.15 -14.33
N ILE A 10 22.05 -0.05 -13.77
CA ILE A 10 23.27 -0.51 -14.41
C ILE A 10 23.85 -1.59 -13.53
N GLY A 11 23.75 -2.84 -13.98
CA GLY A 11 24.18 -3.97 -13.18
C GLY A 11 23.00 -4.81 -12.76
N ALA A 12 22.73 -5.89 -13.49
CA ALA A 12 21.55 -6.70 -13.28
C ALA A 12 21.87 -8.03 -12.62
N GLY A 13 22.68 -8.01 -11.58
CA GLY A 13 22.96 -9.17 -10.77
C GLY A 13 21.94 -9.34 -9.66
N GLY A 14 22.38 -9.92 -8.56
CA GLY A 14 21.47 -10.15 -7.44
C GLY A 14 20.92 -8.86 -6.86
N VAL A 15 21.80 -7.90 -6.60
CA VAL A 15 21.38 -6.64 -5.97
C VAL A 15 20.44 -5.88 -6.88
N GLY A 16 20.86 -5.66 -8.13
CA GLY A 16 20.03 -4.89 -9.05
C GLY A 16 18.69 -5.53 -9.32
N SER A 17 18.69 -6.86 -9.51
CA SER A 17 17.43 -7.56 -9.77
C SER A 17 16.50 -7.51 -8.55
N SER A 18 17.07 -7.65 -7.35
CA SER A 18 16.25 -7.51 -6.14
C SER A 18 15.65 -6.12 -6.04
N PHE A 19 16.47 -5.09 -6.31
CA PHE A 19 15.95 -3.72 -6.29
C PHE A 19 14.82 -3.54 -7.29
N ALA A 20 15.01 -4.04 -8.51
CA ALA A 20 14.00 -3.87 -9.55
C ALA A 20 12.69 -4.57 -9.17
N TYR A 21 12.78 -5.81 -8.69
CA TYR A 21 11.60 -6.54 -8.21
C TYR A 21 10.88 -5.75 -7.12
N ALA A 22 11.61 -5.37 -6.08
CA ALA A 22 11.01 -4.62 -4.98
C ALA A 22 10.34 -3.34 -5.49
N LEU A 23 10.98 -2.65 -6.44
CA LEU A 23 10.41 -1.40 -6.93
C LEU A 23 9.13 -1.65 -7.72
N THR A 24 9.09 -2.71 -8.52
CA THR A 24 7.85 -3.02 -9.23
C THR A 24 6.74 -3.28 -8.22
N ILE A 25 7.06 -3.93 -7.11
CA ILE A 25 6.02 -4.22 -6.11
C ILE A 25 5.57 -2.94 -5.40
N ASP A 26 6.52 -2.15 -4.88
CA ASP A 26 6.25 -0.92 -4.11
C ASP A 26 6.77 0.27 -4.91
N ASN A 27 5.93 0.91 -5.70
CA ASN A 27 6.36 1.93 -6.67
C ASN A 27 5.87 3.33 -6.33
N SER A 28 6.76 4.29 -6.07
CA SER A 28 6.41 5.73 -5.91
C SER A 28 6.64 6.37 -7.27
N LEU A 29 5.65 6.33 -8.11
CA LEU A 29 5.71 6.85 -9.49
C LEU A 29 7.09 6.64 -10.17
N VAL A 30 7.43 5.42 -10.57
CA VAL A 30 8.57 5.15 -11.50
C VAL A 30 7.82 4.62 -12.73
N HIS A 31 7.76 5.40 -13.79
CA HIS A 31 6.98 5.06 -15.01
C HIS A 31 7.78 4.16 -15.95
N GLU A 32 9.10 4.31 -15.97
CA GLU A 32 9.98 3.55 -16.88
C GLU A 32 11.18 3.03 -16.09
N LEU A 33 11.48 1.74 -16.17
CA LEU A 33 12.67 1.15 -15.58
C LEU A 33 13.46 0.50 -16.70
N VAL A 34 14.68 1.00 -16.93
CA VAL A 34 15.54 0.51 -18.00
C VAL A 34 16.70 -0.24 -17.35
N ILE A 35 16.95 -1.47 -17.80
CA ILE A 35 17.96 -2.34 -17.21
C ILE A 35 19.11 -2.50 -18.19
N ILE A 36 20.33 -2.27 -17.70
CA ILE A 36 21.54 -2.35 -18.50
C ILE A 36 22.50 -3.31 -17.81
N ASP A 37 23.11 -4.20 -18.59
CA ASP A 37 24.14 -5.09 -18.08
C ASP A 37 25.04 -5.49 -19.24
N VAL A 38 26.36 -5.52 -18.96
CA VAL A 38 27.32 -5.96 -19.97
C VAL A 38 27.00 -7.38 -20.40
N ASN A 39 26.40 -8.19 -19.52
CA ASN A 39 25.86 -9.50 -19.86
C ASN A 39 24.44 -9.27 -20.39
N GLU A 40 24.31 -9.17 -21.72
CA GLU A 40 23.04 -8.75 -22.33
C GLU A 40 21.93 -9.75 -22.02
N ASN A 41 22.25 -11.04 -22.04
CA ASN A 41 21.22 -12.06 -21.84
C ASN A 41 20.65 -12.01 -20.43
N LYS A 42 21.49 -11.77 -19.42
CA LYS A 42 21.00 -11.65 -18.06
C LYS A 42 19.98 -10.53 -17.94
N ALA A 43 20.31 -9.35 -18.49
CA ALA A 43 19.38 -8.23 -18.46
C ALA A 43 18.09 -8.56 -19.20
N LYS A 44 18.19 -9.18 -20.38
CA LYS A 44 16.99 -9.55 -21.13
C LYS A 44 16.09 -10.47 -20.32
N GLY A 45 16.67 -11.52 -19.74
CA GLY A 45 15.88 -12.46 -18.97
C GLY A 45 15.24 -11.83 -17.75
N GLU A 46 15.97 -10.94 -17.07
CA GLU A 46 15.39 -10.26 -15.92
C GLU A 46 14.23 -9.36 -16.35
N VAL A 47 14.38 -8.65 -17.47
CA VAL A 47 13.29 -7.81 -17.96
C VAL A 47 12.06 -8.66 -18.25
N MET A 48 12.26 -9.81 -18.89
CA MET A 48 11.14 -10.70 -19.18
C MET A 48 10.45 -11.18 -17.90
N ASP A 49 11.25 -11.64 -16.93
CA ASP A 49 10.68 -12.19 -15.70
C ASP A 49 9.93 -11.12 -14.91
N LEU A 50 10.44 -9.88 -14.92
CA LEU A 50 9.75 -8.81 -14.23
C LEU A 50 8.45 -8.45 -14.94
N ASN A 51 8.45 -8.45 -16.28
CA ASN A 51 7.25 -8.09 -17.02
C ASN A 51 6.17 -9.16 -16.91
N HIS A 52 6.56 -10.43 -16.78
CA HIS A 52 5.55 -11.48 -16.77
C HIS A 52 4.66 -11.44 -15.54
N GLY A 53 5.01 -10.66 -14.53
CA GLY A 53 4.23 -10.55 -13.31
C GLY A 53 3.40 -9.29 -13.19
N GLN A 54 3.30 -8.48 -14.25
CA GLN A 54 2.57 -7.21 -14.15
C GLN A 54 1.15 -7.39 -13.66
N MET A 55 0.50 -8.52 -13.99
CA MET A 55 -0.89 -8.71 -13.61
C MET A 55 -1.05 -8.68 -12.09
N PHE A 56 -0.02 -9.05 -11.34
CA PHE A 56 -0.09 -9.12 -9.88
C PHE A 56 0.33 -7.84 -9.17
N LEU A 57 0.77 -6.83 -9.91
CA LEU A 57 1.21 -5.59 -9.28
C LEU A 57 0.04 -4.64 -9.03
N LYS A 58 0.24 -3.72 -8.10
CA LYS A 58 -0.74 -2.66 -7.89
C LYS A 58 -0.81 -1.73 -9.10
N LYS A 59 0.34 -1.43 -9.70
CA LYS A 59 0.41 -0.52 -10.84
C LYS A 59 1.24 -1.15 -11.94
N ASN A 60 0.85 -0.88 -13.18
CA ASN A 60 1.66 -1.26 -14.33
C ASN A 60 2.88 -0.36 -14.43
N ILE A 61 3.95 -0.88 -15.02
CA ILE A 61 5.21 -0.16 -15.15
C ILE A 61 5.92 -0.68 -16.40
N ASN A 62 6.62 0.21 -17.08
CA ASN A 62 7.36 -0.15 -18.28
C ASN A 62 8.77 -0.58 -17.89
N VAL A 63 9.11 -1.84 -18.17
CA VAL A 63 10.42 -2.40 -17.87
C VAL A 63 11.07 -2.81 -19.19
N LEU A 64 12.21 -2.23 -19.50
CA LEU A 64 12.82 -2.37 -20.83
C LEU A 64 14.29 -2.71 -20.74
N PHE A 65 14.75 -3.52 -21.69
CA PHE A 65 16.17 -3.66 -21.94
C PHE A 65 16.69 -2.36 -22.57
N GLY A 66 17.88 -1.95 -22.17
CA GLY A 66 18.39 -0.67 -22.64
C GLY A 66 19.89 -0.67 -22.81
N THR A 67 20.38 0.47 -23.29
CA THR A 67 21.81 0.73 -23.46
C THR A 67 22.12 2.06 -22.79
N TYR A 68 23.39 2.49 -22.88
CA TYR A 68 23.77 3.73 -22.22
C TYR A 68 23.01 4.93 -22.76
N LYS A 69 22.58 4.88 -24.03
CA LYS A 69 21.81 5.98 -24.58
C LYS A 69 20.62 6.33 -23.71
N ASP A 70 20.00 5.33 -23.08
CA ASP A 70 18.79 5.56 -22.29
C ASP A 70 19.05 6.50 -21.12
N CYS A 71 20.31 6.68 -20.72
CA CYS A 71 20.60 7.58 -19.62
C CYS A 71 20.43 9.05 -19.98
N ALA A 72 20.27 9.36 -21.27
CA ALA A 72 20.22 10.76 -21.70
C ALA A 72 19.11 11.51 -20.97
N ASN A 73 17.92 10.93 -20.92
CA ASN A 73 16.76 11.56 -20.28
C ASN A 73 16.35 10.84 -19.02
N ALA A 74 17.28 10.16 -18.36
CA ALA A 74 17.00 9.47 -17.11
C ALA A 74 16.97 10.47 -15.97
N ASP A 75 16.06 10.26 -15.02
CA ASP A 75 16.02 11.07 -13.81
C ASP A 75 16.92 10.50 -12.73
N ILE A 76 17.05 9.18 -12.66
CA ILE A 76 17.93 8.55 -11.68
C ILE A 76 18.72 7.43 -12.36
N VAL A 77 20.00 7.32 -12.02
CA VAL A 77 20.83 6.21 -12.49
C VAL A 77 21.34 5.47 -11.26
N VAL A 78 20.94 4.20 -11.14
CA VAL A 78 21.34 3.33 -10.03
C VAL A 78 22.45 2.41 -10.53
N ILE A 79 23.57 2.40 -9.82
CA ILE A 79 24.73 1.61 -10.23
C ILE A 79 24.95 0.51 -9.19
N THR A 80 24.76 -0.74 -9.60
CA THR A 80 25.05 -1.90 -8.77
C THR A 80 26.04 -2.84 -9.45
N ALA A 81 26.71 -2.40 -10.51
CA ALA A 81 27.64 -3.25 -11.25
C ALA A 81 28.99 -3.29 -10.55
N GLY A 82 29.67 -4.42 -10.74
CA GLY A 82 31.00 -4.64 -10.16
C GLY A 82 31.11 -5.98 -9.50
N LEU A 83 32.33 -6.29 -9.09
CA LEU A 83 32.61 -7.52 -8.42
C LEU A 83 32.14 -7.45 -6.97
N ASN A 84 31.51 -8.53 -6.51
CA ASN A 84 31.21 -8.68 -5.09
C ASN A 84 32.32 -9.48 -4.41
N GLN A 85 32.34 -9.42 -3.09
CA GLN A 85 33.42 -10.04 -2.33
C GLN A 85 33.22 -11.56 -2.25
N LYS A 86 34.32 -12.29 -2.32
CA LYS A 86 34.36 -13.73 -2.14
C LYS A 86 34.83 -14.06 -0.73
N PRO A 87 34.56 -15.27 -0.25
CA PRO A 87 35.01 -15.64 1.11
C PRO A 87 36.48 -15.29 1.33
N GLY A 88 36.74 -14.64 2.46
CA GLY A 88 38.09 -14.21 2.80
C GLY A 88 38.50 -12.87 2.22
N GLU A 89 37.57 -12.12 1.64
CA GLU A 89 37.88 -10.86 0.98
C GLU A 89 37.11 -9.72 1.64
N THR A 90 37.79 -8.61 1.86
CA THR A 90 37.15 -7.40 2.36
C THR A 90 36.56 -6.60 1.20
N ARG A 91 35.71 -5.63 1.55
CA ARG A 91 35.18 -4.73 0.53
C ARG A 91 36.28 -3.86 -0.07
N LEU A 92 37.32 -3.56 0.72
CA LEU A 92 38.41 -2.71 0.22
C LEU A 92 39.29 -3.47 -0.77
N ASP A 93 39.31 -4.80 -0.71
CA ASP A 93 40.08 -5.62 -1.69
C ASP A 93 39.50 -5.46 -3.09
N LEU A 94 38.33 -4.84 -3.26
CA LEU A 94 37.66 -4.65 -4.57
C LEU A 94 37.95 -3.27 -5.17
N VAL A 95 38.57 -2.37 -4.44
CA VAL A 95 38.74 -0.95 -4.87
C VAL A 95 39.31 -0.86 -6.29
N ASP A 96 40.42 -1.53 -6.59
CA ASP A 96 41.10 -1.40 -7.90
C ASP A 96 40.21 -1.88 -9.05
N LYS A 97 39.71 -3.10 -9.03
CA LYS A 97 38.93 -3.64 -10.18
C LYS A 97 37.62 -2.85 -10.34
N ASN A 98 36.94 -2.50 -9.25
CA ASN A 98 35.62 -1.82 -9.31
C ASN A 98 35.79 -0.36 -9.76
N SER A 99 36.87 0.30 -9.37
CA SER A 99 37.16 1.69 -9.81
C SER A 99 37.34 1.71 -11.33
N LYS A 100 37.99 0.70 -11.89
CA LYS A 100 38.22 0.60 -13.36
C LYS A 100 36.87 0.38 -14.04
N ILE A 101 36.00 -0.44 -13.45
CA ILE A 101 34.65 -0.71 -14.02
C ILE A 101 33.89 0.61 -13.99
N PHE A 102 34.04 1.42 -12.95
CA PHE A 102 33.32 2.70 -12.78
C PHE A 102 33.90 3.80 -13.66
N LYS A 103 35.17 3.75 -14.02
CA LYS A 103 35.72 4.75 -14.96
C LYS A 103 34.96 4.56 -16.27
N ASP A 104 34.79 3.33 -16.72
CA ASP A 104 34.11 3.01 -17.99
C ASP A 104 32.63 3.38 -17.90
N ILE A 105 31.93 2.91 -16.88
CA ILE A 105 30.47 3.16 -16.72
C ILE A 105 30.27 4.67 -16.70
N ILE A 106 30.95 5.43 -15.86
CA ILE A 106 30.73 6.89 -15.68
C ILE A 106 31.03 7.66 -16.98
N THR A 107 32.00 7.27 -17.80
CA THR A 107 32.24 7.95 -19.07
C THR A 107 31.02 7.80 -19.97
N ASN A 108 30.63 6.55 -20.23
CA ASN A 108 29.47 6.32 -21.08
C ASN A 108 28.28 7.12 -20.55
N VAL A 109 28.00 6.97 -19.25
CA VAL A 109 26.81 7.61 -18.70
C VAL A 109 26.89 9.11 -18.90
N VAL A 110 28.07 9.70 -18.74
CA VAL A 110 28.17 11.15 -18.87
C VAL A 110 28.10 11.55 -20.33
N SER A 111 28.67 10.74 -21.23
CA SER A 111 28.71 11.14 -22.63
C SER A 111 27.33 11.12 -23.25
N SER A 112 26.36 10.42 -22.63
CA SER A 112 25.00 10.38 -23.13
C SER A 112 24.23 11.66 -22.86
N GLY A 113 24.73 12.53 -22.00
CA GLY A 113 24.02 13.74 -21.63
C GLY A 113 23.25 13.65 -20.33
N PHE A 114 23.37 12.56 -19.59
CA PHE A 114 22.69 12.43 -18.31
C PHE A 114 23.06 13.59 -17.39
N ASP A 115 22.05 14.15 -16.73
CA ASP A 115 22.27 15.19 -15.72
C ASP A 115 21.26 15.03 -14.59
N GLY A 116 20.94 13.79 -14.25
CA GLY A 116 20.07 13.51 -13.12
C GLY A 116 20.83 13.24 -11.84
N ILE A 117 20.40 12.24 -11.08
CA ILE A 117 20.99 11.90 -9.79
C ILE A 117 21.55 10.48 -9.84
N PHE A 118 22.76 10.31 -9.31
CA PHE A 118 23.38 9.00 -9.18
C PHE A 118 23.05 8.38 -7.83
N VAL A 119 22.76 7.08 -7.82
CA VAL A 119 22.63 6.29 -6.60
C VAL A 119 23.56 5.09 -6.71
N VAL A 120 24.57 5.04 -5.85
CA VAL A 120 25.66 4.08 -5.95
C VAL A 120 25.54 3.05 -4.85
N ALA A 121 25.58 1.77 -5.22
CA ALA A 121 25.58 0.66 -4.27
C ALA A 121 26.83 -0.22 -4.35
N SER A 122 27.54 -0.22 -5.47
CA SER A 122 28.70 -1.10 -5.62
C SER A 122 29.75 -0.79 -4.56
N ASN A 123 30.50 -1.84 -4.16
CA ASN A 123 31.45 -1.75 -3.07
C ASN A 123 32.86 -1.48 -3.57
N PRO A 124 33.72 -0.85 -2.74
CA PRO A 124 33.40 -0.26 -1.41
C PRO A 124 32.62 1.03 -1.62
N VAL A 125 31.41 1.11 -1.06
CA VAL A 125 30.41 2.05 -1.56
C VAL A 125 30.85 3.50 -1.32
N ASP A 126 31.52 3.78 -0.19
CA ASP A 126 31.93 5.16 0.07
C ASP A 126 32.98 5.63 -0.94
N ILE A 127 33.97 4.79 -1.21
CA ILE A 127 35.01 5.16 -2.17
C ILE A 127 34.44 5.16 -3.60
N MET A 128 33.55 4.21 -3.91
CA MET A 128 32.93 4.24 -5.23
C MET A 128 32.05 5.46 -5.41
N THR A 129 31.44 5.97 -4.33
CA THR A 129 30.68 7.20 -4.41
C THR A 129 31.59 8.40 -4.70
N TYR A 130 32.72 8.48 -3.98
CA TYR A 130 33.67 9.56 -4.27
C TYR A 130 34.17 9.46 -5.71
N VAL A 131 34.46 8.25 -6.18
CA VAL A 131 34.93 8.05 -7.54
C VAL A 131 33.88 8.50 -8.56
N THR A 132 32.62 8.15 -8.31
CA THR A 132 31.54 8.59 -9.20
C THR A 132 31.49 10.12 -9.26
N MET A 133 31.58 10.77 -8.10
CA MET A 133 31.55 12.23 -8.08
C MET A 133 32.69 12.80 -8.88
N LYS A 134 33.90 12.25 -8.74
CA LYS A 134 35.07 12.84 -9.39
C LYS A 134 35.04 12.59 -10.89
N TYR A 135 34.77 11.35 -11.31
CA TYR A 135 34.76 11.03 -12.73
C TYR A 135 33.64 11.77 -13.45
N SER A 136 32.49 11.92 -12.80
CA SER A 136 31.34 12.51 -13.45
C SER A 136 31.39 14.03 -13.51
N LYS A 137 32.14 14.66 -12.60
CA LYS A 137 32.16 16.11 -12.44
C LYS A 137 30.84 16.69 -11.97
N PHE A 138 29.97 15.86 -11.41
CA PHE A 138 28.65 16.32 -10.97
C PHE A 138 28.75 17.09 -9.66
N PRO A 139 27.78 17.97 -9.39
CA PRO A 139 27.71 18.58 -8.06
C PRO A 139 27.63 17.52 -6.97
N ILE A 140 28.22 17.84 -5.81
CA ILE A 140 28.29 16.88 -4.72
C ILE A 140 26.90 16.36 -4.33
N HIS A 141 25.87 17.18 -4.51
CA HIS A 141 24.54 16.86 -4.00
C HIS A 141 23.72 16.00 -4.93
N LYS A 142 24.21 15.74 -6.15
CA LYS A 142 23.54 14.83 -7.06
C LYS A 142 24.15 13.43 -7.04
N VAL A 143 25.05 13.14 -6.10
CA VAL A 143 25.70 11.85 -6.00
C VAL A 143 25.41 11.27 -4.62
N ILE A 144 24.72 10.14 -4.59
CA ILE A 144 24.29 9.50 -3.35
C ILE A 144 24.82 8.08 -3.33
N GLY A 145 25.38 7.67 -2.20
CA GLY A 145 25.73 6.28 -1.98
C GLY A 145 24.91 5.72 -0.85
N THR A 146 24.72 4.40 -0.81
CA THR A 146 23.89 3.80 0.23
C THR A 146 24.58 3.74 1.58
N GLY A 147 25.89 3.96 1.64
CA GLY A 147 26.61 4.11 2.89
C GLY A 147 26.26 3.08 3.94
N THR A 148 25.78 3.54 5.09
CA THR A 148 25.49 2.68 6.22
C THR A 148 23.99 2.41 6.39
N ILE A 149 23.20 2.60 5.34
CA ILE A 149 21.77 2.33 5.44
C ILE A 149 21.53 0.84 5.71
N LEU A 150 22.32 -0.03 5.07
CA LEU A 150 22.15 -1.46 5.29
C LEU A 150 22.65 -1.89 6.66
N ASP A 151 23.81 -1.39 7.09
CA ASP A 151 24.29 -1.69 8.43
C ASP A 151 23.31 -1.18 9.48
N THR A 152 22.72 -0.01 9.26
CA THR A 152 21.73 0.52 10.19
C THR A 152 20.49 -0.35 10.22
N SER A 153 20.04 -0.83 9.06
CA SER A 153 18.89 -1.73 9.02
C SER A 153 19.17 -2.99 9.82
N ARG A 154 20.38 -3.55 9.67
CA ARG A 154 20.75 -4.74 10.43
C ARG A 154 20.73 -4.47 11.93
N LEU A 155 21.33 -3.33 12.34
CA LEU A 155 21.37 -2.96 13.74
C LEU A 155 19.96 -2.83 14.32
N ARG A 156 19.07 -2.18 13.57
CA ARG A 156 17.72 -1.97 14.07
C ARG A 156 16.96 -3.28 14.16
N TYR A 157 17.19 -4.20 13.22
CA TYR A 157 16.58 -5.52 13.34
C TYR A 157 17.06 -6.23 14.61
N PHE A 158 18.38 -6.24 14.84
CA PHE A 158 18.90 -6.96 16.01
C PHE A 158 18.34 -6.37 17.30
N LEU A 159 18.28 -5.04 17.40
CA LEU A 159 17.73 -4.42 18.61
C LEU A 159 16.23 -4.69 18.74
N SER A 160 15.50 -4.66 17.62
CA SER A 160 14.08 -5.00 17.64
C SER A 160 13.87 -6.40 18.20
N ASP A 161 14.70 -7.35 17.79
CA ASP A 161 14.56 -8.71 18.29
C ASP A 161 14.94 -8.80 19.77
N HIS A 162 15.96 -8.06 20.19
CA HIS A 162 16.35 -8.12 21.60
C HIS A 162 15.26 -7.57 22.50
N PHE A 163 14.65 -6.44 22.13
CA PHE A 163 13.68 -5.79 23.00
C PHE A 163 12.24 -6.15 22.67
N ASN A 164 12.00 -6.92 21.61
CA ASN A 164 10.65 -7.21 21.14
C ASN A 164 9.87 -5.92 20.90
N VAL A 165 10.50 -4.99 20.19
CA VAL A 165 9.92 -3.70 19.86
C VAL A 165 10.06 -3.48 18.36
N ASN A 166 9.02 -2.92 17.74
CA ASN A 166 9.02 -2.68 16.30
C ASN A 166 10.26 -1.91 15.89
N THR A 167 10.78 -2.22 14.70
CA THR A 167 11.97 -1.52 14.22
C THR A 167 11.72 -0.02 14.11
N GLN A 168 10.46 0.38 13.94
CA GLN A 168 10.13 1.78 13.78
C GLN A 168 10.54 2.62 14.97
N ASN A 169 10.60 2.02 16.17
CA ASN A 169 10.92 2.75 17.38
C ASN A 169 12.37 2.59 17.81
N ILE A 170 13.21 2.00 16.98
CA ILE A 170 14.62 1.78 17.31
C ILE A 170 15.43 2.90 16.65
N HIS A 171 15.89 3.85 17.45
CA HIS A 171 16.57 5.04 16.94
C HIS A 171 18.05 4.93 17.27
N SER A 172 18.78 4.30 16.35
CA SER A 172 20.20 4.05 16.48
C SER A 172 20.78 4.03 15.07
N TYR A 173 22.03 4.47 14.94
CA TYR A 173 22.70 4.53 13.66
C TYR A 173 23.98 3.69 13.68
N ILE A 174 24.33 3.16 12.51
CA ILE A 174 25.71 2.78 12.19
C ILE A 174 26.28 3.91 11.34
N MET A 175 27.47 4.39 11.70
CA MET A 175 28.13 5.48 10.99
C MET A 175 29.56 5.08 10.69
N GLY A 176 30.19 5.85 9.79
CA GLY A 176 31.54 5.55 9.35
C GLY A 176 31.56 4.77 8.05
N GLU A 177 32.59 3.95 7.85
CA GLU A 177 32.71 3.14 6.65
C GLU A 177 31.62 2.05 6.64
N HIS A 178 31.06 1.79 5.46
CA HIS A 178 30.27 0.60 5.24
C HIS A 178 31.22 -0.59 5.20
N GLY A 179 31.69 -0.99 6.37
CA GLY A 179 32.69 -2.05 6.45
C GLY A 179 33.20 -2.35 7.85
N ASP A 180 34.44 -2.81 7.94
CA ASP A 180 34.98 -3.29 9.20
C ASP A 180 35.17 -2.18 10.23
N SER A 181 35.32 -0.93 9.79
CA SER A 181 35.68 0.16 10.70
C SER A 181 34.47 1.00 11.12
N SER A 182 33.27 0.48 10.96
CA SER A 182 32.07 1.21 11.34
C SER A 182 31.91 1.22 12.87
N PHE A 183 30.91 1.98 13.34
CA PHE A 183 30.62 2.05 14.76
C PHE A 183 29.15 2.39 14.95
N ALA A 184 28.63 2.06 16.12
CA ALA A 184 27.24 2.30 16.48
C ALA A 184 27.14 3.47 17.44
N THR A 185 26.04 4.23 17.31
CA THR A 185 25.83 5.43 18.13
C THR A 185 25.15 5.05 19.46
N TRP A 186 25.84 4.19 20.21
CA TRP A 186 25.24 3.64 21.42
C TRP A 186 24.87 4.74 22.42
N ASP A 187 25.72 5.76 22.56
CA ASP A 187 25.47 6.79 23.58
C ASP A 187 24.31 7.70 23.23
N GLU A 188 23.87 7.71 21.97
CA GLU A 188 22.76 8.54 21.52
C GLU A 188 21.52 7.72 21.20
N THR A 189 21.53 6.42 21.50
CA THR A 189 20.45 5.54 21.09
C THR A 189 19.25 5.66 22.03
N LYS A 190 18.06 5.64 21.43
CA LYS A 190 16.82 5.63 22.18
C LYS A 190 15.89 4.55 21.63
N ILE A 191 15.10 3.97 22.51
CA ILE A 191 13.97 3.11 22.15
C ILE A 191 12.72 3.95 22.36
N ALA A 192 12.07 4.35 21.27
CA ALA A 192 11.09 5.44 21.32
C ALA A 192 11.79 6.65 21.95
N MET A 193 11.29 7.12 23.09
CA MET A 193 11.91 8.24 23.79
C MET A 193 12.71 7.80 25.03
N LYS A 194 12.89 6.49 25.23
CA LYS A 194 13.60 5.98 26.40
C LYS A 194 15.05 5.71 26.06
N PRO A 195 16.02 6.39 26.69
CA PRO A 195 17.41 6.18 26.30
C PRO A 195 17.90 4.78 26.65
N LEU A 196 18.85 4.31 25.85
CA LEU A 196 19.43 2.99 26.07
C LEU A 196 20.13 2.89 27.42
N SER A 197 20.64 4.01 27.94
CA SER A 197 21.30 3.98 29.24
C SER A 197 20.35 3.51 30.33
N GLU A 198 19.05 3.81 30.21
CA GLU A 198 18.10 3.36 31.21
C GLU A 198 17.86 1.86 31.11
N TYR A 199 17.87 1.31 29.89
CA TYR A 199 17.77 -0.14 29.73
C TYR A 199 19.00 -0.84 30.31
N LEU A 200 20.18 -0.26 30.10
CA LEU A 200 21.39 -0.81 30.71
C LEU A 200 21.29 -0.76 32.23
N ALA A 201 20.92 0.39 32.79
CA ALA A 201 20.79 0.51 34.24
C ALA A 201 19.81 -0.49 34.80
N GLU A 202 18.76 -0.83 34.04
CA GLU A 202 17.73 -1.74 34.51
C GLU A 202 18.05 -3.21 34.23
N GLY A 203 19.19 -3.49 33.60
CA GLY A 203 19.57 -4.86 33.35
C GLY A 203 18.81 -5.55 32.23
N LYS A 204 18.16 -4.80 31.35
CA LYS A 204 17.46 -5.39 30.21
C LYS A 204 18.38 -5.61 29.03
N ILE A 205 19.58 -5.03 29.04
CA ILE A 205 20.62 -5.28 28.05
C ILE A 205 21.95 -4.96 28.72
N THR A 206 23.03 -5.56 28.20
CA THR A 206 24.36 -5.37 28.77
C THR A 206 25.32 -4.80 27.73
N GLU A 207 26.42 -4.24 28.21
CA GLU A 207 27.39 -3.61 27.32
C GLU A 207 28.05 -4.63 26.40
N LEU A 208 28.30 -5.84 26.90
CA LEU A 208 28.87 -6.87 26.03
C LEU A 208 27.86 -7.33 24.99
N GLU A 209 26.57 -7.32 25.32
CA GLU A 209 25.56 -7.60 24.30
C GLU A 209 25.56 -6.52 23.23
N LEU A 210 25.84 -5.26 23.60
CA LEU A 210 25.99 -4.21 22.59
C LEU A 210 27.20 -4.47 21.71
N ASP A 211 28.33 -4.83 22.32
CA ASP A 211 29.52 -5.16 21.54
C ASP A 211 29.23 -6.31 20.59
N GLU A 212 28.50 -7.32 21.06
CA GLU A 212 28.16 -8.46 20.23
C GLU A 212 27.23 -8.07 19.09
N ILE A 213 26.28 -7.17 19.35
CA ILE A 213 25.37 -6.73 18.29
C ILE A 213 26.16 -5.99 17.21
N HIS A 214 27.09 -5.12 17.63
CA HIS A 214 27.87 -4.39 16.63
C HIS A 214 28.75 -5.35 15.83
N LYS A 215 29.28 -6.38 16.49
CA LYS A 215 30.12 -7.35 15.78
C LYS A 215 29.29 -8.17 14.80
N LYS A 216 28.04 -8.48 15.17
CA LYS A 216 27.14 -9.15 14.23
C LYS A 216 26.86 -8.27 13.02
N VAL A 217 26.65 -6.96 13.25
CA VAL A 217 26.49 -6.05 12.12
C VAL A 217 27.70 -6.12 11.20
N VAL A 218 28.90 -6.05 11.80
CA VAL A 218 30.12 -6.01 10.99
C VAL A 218 30.29 -7.31 10.20
N ASN A 219 29.94 -8.44 10.81
CA ASN A 219 30.19 -9.75 10.20
C ASN A 219 29.01 -10.30 9.38
N ALA A 220 27.89 -9.57 9.34
CA ALA A 220 26.69 -10.11 8.71
C ALA A 220 26.93 -10.46 7.24
N ALA A 221 27.61 -9.58 6.50
CA ALA A 221 27.84 -9.84 5.08
C ALA A 221 28.63 -11.12 4.89
N TYR A 222 29.69 -11.30 5.68
CA TYR A 222 30.50 -12.51 5.57
C TYR A 222 29.67 -13.75 5.88
N GLU A 223 28.84 -13.68 6.93
CA GLU A 223 28.02 -14.84 7.29
C GLU A 223 27.05 -15.21 6.18
N VAL A 224 26.33 -14.21 5.65
CA VAL A 224 25.33 -14.50 4.63
C VAL A 224 26.01 -14.96 3.35
N ILE A 225 27.21 -14.45 3.07
CA ILE A 225 27.94 -14.90 1.88
C ILE A 225 28.33 -16.36 2.03
N LYS A 226 28.81 -16.74 3.21
CA LYS A 226 29.12 -18.15 3.43
C LYS A 226 27.90 -19.02 3.27
N LEU A 227 26.72 -18.51 3.64
CA LEU A 227 25.53 -19.36 3.65
C LEU A 227 24.82 -19.46 2.30
N LYS A 228 24.79 -18.36 1.52
CA LYS A 228 24.06 -18.40 0.26
C LYS A 228 24.78 -17.69 -0.88
N GLY A 229 26.05 -17.34 -0.73
CA GLY A 229 26.88 -16.77 -1.81
C GLY A 229 26.98 -15.26 -1.85
N ALA A 230 25.89 -14.54 -1.65
CA ALA A 230 25.86 -13.07 -1.71
C ALA A 230 24.59 -12.55 -1.01
N THR A 231 24.58 -11.28 -0.64
CA THR A 231 23.45 -10.61 0.03
C THR A 231 22.80 -9.70 -1.02
N TYR A 232 21.46 -9.63 -1.07
CA TYR A 232 20.74 -8.80 -2.07
C TYR A 232 19.35 -8.35 -1.63
N TYR A 233 18.63 -9.07 -0.76
CA TYR A 233 17.24 -8.71 -0.38
C TYR A 233 17.25 -7.40 0.42
N ALA A 234 18.02 -7.31 1.49
CA ALA A 234 18.00 -6.11 2.36
C ALA A 234 18.50 -4.87 1.59
N ILE A 235 19.59 -4.97 0.82
CA ILE A 235 20.15 -3.84 0.03
C ILE A 235 19.14 -3.46 -1.06
N GLY A 236 18.44 -4.40 -1.64
CA GLY A 236 17.41 -4.09 -2.62
C GLY A 236 16.35 -3.18 -2.04
N LEU A 237 15.89 -3.49 -0.82
CA LEU A 237 14.88 -2.63 -0.19
C LEU A 237 15.45 -1.26 0.14
N GLY A 238 16.70 -1.19 0.59
CA GLY A 238 17.29 0.11 0.89
C GLY A 238 17.39 1.01 -0.33
N ILE A 239 17.81 0.44 -1.46
CA ILE A 239 17.86 1.22 -2.70
C ILE A 239 16.45 1.66 -3.10
N LYS A 240 15.49 0.74 -3.04
CA LYS A 240 14.11 1.09 -3.41
C LYS A 240 13.62 2.26 -2.56
N ASN A 241 13.90 2.23 -1.26
CA ASN A 241 13.47 3.31 -0.38
C ASN A 241 14.12 4.63 -0.76
N ILE A 242 15.42 4.60 -1.08
CA ILE A 242 16.08 5.83 -1.49
C ILE A 242 15.41 6.40 -2.74
N VAL A 243 15.15 5.53 -3.73
CA VAL A 243 14.58 5.99 -5.00
C VAL A 243 13.21 6.61 -4.76
N ASN A 244 12.38 5.95 -3.95
CA ASN A 244 11.04 6.48 -3.69
C ASN A 244 11.11 7.78 -2.90
N ALA A 245 12.06 7.88 -1.96
CA ALA A 245 12.21 9.13 -1.21
C ALA A 245 12.63 10.28 -2.11
N ILE A 246 13.43 9.99 -3.14
CA ILE A 246 13.80 11.04 -4.08
C ILE A 246 12.60 11.45 -4.93
N ILE A 247 11.96 10.47 -5.57
CA ILE A 247 10.87 10.81 -6.49
C ILE A 247 9.71 11.45 -5.73
N GLY A 248 9.51 11.06 -4.47
CA GLY A 248 8.46 11.66 -3.65
C GLY A 248 8.81 12.95 -2.96
N ASP A 249 10.03 13.46 -3.13
CA ASP A 249 10.46 14.70 -2.48
C ASP A 249 10.09 14.69 -1.00
N GLN A 250 10.49 13.61 -0.31
CA GLN A 250 10.01 13.34 1.03
C GLN A 250 10.81 14.04 2.12
N ASN A 251 11.98 14.59 1.81
CA ASN A 251 12.81 15.31 2.78
C ASN A 251 13.11 14.43 3.99
N VAL A 252 13.51 13.19 3.72
CA VAL A 252 13.70 12.22 4.80
C VAL A 252 15.18 12.12 5.14
N ILE A 253 15.47 11.88 6.40
CA ILE A 253 16.86 11.79 6.87
C ILE A 253 17.28 10.33 6.86
N LEU A 254 18.37 10.03 6.15
CA LEU A 254 18.87 8.68 6.07
C LEU A 254 20.38 8.67 6.27
N PRO A 255 20.93 7.57 6.81
CA PRO A 255 22.40 7.47 6.98
C PRO A 255 23.11 6.98 5.72
N ILE A 256 23.33 7.91 4.80
CA ILE A 256 23.82 7.55 3.47
C ILE A 256 25.28 7.93 3.35
N SER A 257 25.91 7.58 2.23
CA SER A 257 27.24 8.09 1.91
C SER A 257 27.13 9.58 1.67
N SER A 258 27.60 10.38 2.63
CA SER A 258 27.48 11.83 2.61
C SER A 258 28.86 12.46 2.51
N TYR A 259 28.96 13.54 1.74
CA TYR A 259 30.20 14.31 1.60
C TYR A 259 30.35 15.22 2.81
N ILE A 260 31.43 15.04 3.57
CA ILE A 260 31.70 15.85 4.74
C ILE A 260 32.80 16.84 4.42
N ASN A 261 32.65 18.07 4.90
CA ASN A 261 33.64 19.12 4.71
C ASN A 261 33.52 20.12 5.87
N GLY A 262 33.77 19.64 7.08
CA GLY A 262 33.72 20.49 8.26
C GLY A 262 32.88 19.89 9.38
N GLN A 263 31.99 18.97 9.04
CA GLN A 263 31.15 18.35 10.04
C GLN A 263 31.97 17.42 10.94
N TYR A 264 31.41 17.13 12.12
CA TYR A 264 32.00 16.17 13.05
C TYR A 264 33.45 16.52 13.41
N GLY A 265 33.71 17.81 13.61
CA GLY A 265 34.99 18.28 14.08
C GLY A 265 35.93 18.76 12.99
N GLY A 266 35.72 18.33 11.75
CA GLY A 266 36.54 18.81 10.65
C GLY A 266 37.95 18.27 10.60
N LEU A 267 38.29 17.30 11.44
CA LEU A 267 39.63 16.73 11.39
C LEU A 267 39.91 16.09 10.03
N ILE A 268 38.91 15.46 9.44
CA ILE A 268 39.01 14.86 8.11
C ILE A 268 37.96 15.51 7.23
N LYS A 269 38.38 15.94 6.03
CA LYS A 269 37.50 16.66 5.13
C LYS A 269 37.52 16.06 3.72
N ASP A 270 36.46 16.36 2.97
CA ASP A 270 36.40 16.08 1.53
C ASP A 270 36.43 14.57 1.25
N ILE A 271 35.56 13.84 1.95
CA ILE A 271 35.34 12.42 1.68
C ILE A 271 33.86 12.13 1.82
N TYR A 272 33.43 11.02 1.22
CA TYR A 272 32.11 10.46 1.45
C TYR A 272 32.20 9.42 2.55
N ILE A 273 31.26 9.47 3.50
CA ILE A 273 31.27 8.58 4.66
C ILE A 273 29.83 8.38 5.13
N GLY A 274 29.60 7.27 5.80
CA GLY A 274 28.27 6.98 6.31
C GLY A 274 27.82 7.97 7.36
N ALA A 275 26.84 8.81 7.03
CA ALA A 275 26.39 9.83 7.96
C ALA A 275 24.98 10.27 7.56
N PRO A 276 24.23 10.84 8.50
CA PRO A 276 22.84 11.23 8.20
C PRO A 276 22.76 12.46 7.30
N ALA A 277 21.79 12.44 6.38
CA ALA A 277 21.58 13.53 5.45
C ALA A 277 20.11 13.57 5.02
N ILE A 278 19.65 14.76 4.65
CA ILE A 278 18.30 14.94 4.15
C ILE A 278 18.26 14.64 2.65
N VAL A 279 17.31 13.81 2.24
CA VAL A 279 17.13 13.40 0.85
C VAL A 279 15.81 13.97 0.35
N CYS A 280 15.83 14.50 -0.88
CA CYS A 280 14.69 15.12 -1.54
C CYS A 280 14.86 14.97 -3.05
N LYS A 281 13.98 15.61 -3.82
CA LYS A 281 13.94 15.38 -5.25
C LYS A 281 15.16 15.95 -5.99
N GLU A 282 15.85 16.92 -5.40
CA GLU A 282 17.07 17.45 -5.98
C GLU A 282 18.31 16.66 -5.59
N GLY A 283 18.16 15.64 -4.75
CA GLY A 283 19.29 14.90 -4.24
C GLY A 283 19.46 15.10 -2.75
N VAL A 284 20.70 15.36 -2.31
CA VAL A 284 20.97 15.62 -0.91
C VAL A 284 20.68 17.09 -0.64
N LYS A 285 19.81 17.36 0.34
CA LYS A 285 19.49 18.73 0.71
C LYS A 285 20.47 19.29 1.73
N GLU A 286 20.93 18.47 2.66
CA GLU A 286 21.91 18.91 3.65
C GLU A 286 22.55 17.69 4.30
N VAL A 287 23.84 17.78 4.56
CA VAL A 287 24.56 16.82 5.37
C VAL A 287 24.54 17.31 6.81
N LEU A 288 23.95 16.52 7.70
CA LEU A 288 23.71 16.97 9.06
C LEU A 288 24.99 16.91 9.89
N ASN A 289 24.97 17.61 11.01
CA ASN A 289 26.09 17.68 11.94
C ASN A 289 25.52 17.71 13.35
N PHE A 290 25.87 16.70 14.15
CA PHE A 290 25.39 16.62 15.53
C PHE A 290 26.51 16.06 16.39
N LYS A 291 26.47 16.42 17.67
CA LYS A 291 27.52 16.02 18.59
C LYS A 291 27.40 14.53 18.92
N ILE A 292 28.51 13.82 18.80
CA ILE A 292 28.60 12.43 19.23
C ILE A 292 29.66 12.34 20.33
N SER A 293 29.52 11.31 21.15
CA SER A 293 30.36 11.18 22.33
C SER A 293 31.84 11.17 21.95
N PRO A 294 32.73 11.56 22.88
CA PRO A 294 34.16 11.62 22.51
C PRO A 294 34.75 10.31 22.00
N LYS A 295 34.48 9.19 22.65
CA LYS A 295 34.97 7.91 22.16
C LYS A 295 34.40 7.60 20.78
N GLU A 296 33.11 7.86 20.59
CA GLU A 296 32.50 7.64 19.29
C GLU A 296 33.11 8.56 18.25
N LEU A 297 33.49 9.78 18.64
CA LEU A 297 34.12 10.68 17.67
C LEU A 297 35.51 10.19 17.29
N ASP A 298 36.24 9.61 18.23
CA ASP A 298 37.53 9.01 17.87
C ASP A 298 37.34 7.85 16.90
N LYS A 299 36.31 7.02 17.13
CA LYS A 299 36.03 5.94 16.17
C LYS A 299 35.67 6.50 14.79
N PHE A 300 34.85 7.55 14.75
CA PHE A 300 34.49 8.18 13.48
C PHE A 300 35.71 8.71 12.76
N ASN A 301 36.61 9.37 13.49
CA ASN A 301 37.81 9.92 12.87
C ASN A 301 38.71 8.83 12.34
N SER A 302 38.86 7.73 13.09
CA SER A 302 39.68 6.62 12.61
C SER A 302 39.09 6.02 11.33
N SER A 303 37.77 5.85 11.27
CA SER A 303 37.14 5.33 10.06
C SER A 303 37.33 6.28 8.88
N ALA A 304 37.10 7.57 9.11
CA ALA A 304 37.26 8.56 8.03
C ALA A 304 38.70 8.61 7.56
N ASN A 305 39.67 8.45 8.47
CA ASN A 305 41.07 8.44 8.08
C ASN A 305 41.39 7.21 7.24
N GLN A 306 40.83 6.05 7.62
CA GLN A 306 40.96 4.87 6.77
C GLN A 306 40.48 5.15 5.35
N LEU A 307 39.32 5.79 5.23
CA LEU A 307 38.79 6.09 3.90
C LEU A 307 39.70 7.07 3.15
N LYS A 308 40.14 8.12 3.85
CA LYS A 308 40.99 9.13 3.23
C LYS A 308 42.30 8.51 2.74
N SER A 309 42.79 7.48 3.41
CA SER A 309 43.99 6.79 2.94
C SER A 309 43.79 6.32 1.50
N TYR A 310 42.72 5.58 1.24
CA TYR A 310 42.48 5.08 -0.11
C TYR A 310 42.22 6.23 -1.08
N ILE A 311 41.54 7.28 -0.63
CA ILE A 311 41.30 8.38 -1.55
C ILE A 311 42.61 9.07 -1.94
N ASP A 312 43.60 9.08 -1.05
CA ASP A 312 44.84 9.79 -1.32
C ASP A 312 45.77 9.02 -2.26
N LYS A 313 45.70 7.68 -2.25
CA LYS A 313 46.57 6.87 -3.10
C LYS A 313 46.21 6.95 -4.57
N MET A 314 45.18 7.72 -4.94
CA MET A 314 44.73 7.86 -6.32
C MET A 314 44.61 9.34 -6.65
N MET B 1 -10.58 -13.65 20.54
CA MET B 1 -9.10 -13.68 20.63
C MET B 1 -8.47 -13.59 19.24
N LEU B 2 -7.58 -12.61 19.07
CA LEU B 2 -6.88 -12.45 17.80
C LEU B 2 -5.76 -13.48 17.70
N LYS B 3 -5.49 -13.91 16.47
CA LYS B 3 -4.63 -15.04 16.20
C LYS B 3 -3.37 -14.61 15.47
N SER B 4 -2.35 -15.47 15.54
CA SER B 4 -1.12 -15.31 14.77
C SER B 4 -1.24 -16.19 13.53
N ASN B 5 -1.12 -15.57 12.35
CA ASN B 5 -1.25 -16.28 11.09
C ASN B 5 0.12 -16.79 10.66
N LYS B 6 0.22 -18.10 10.44
CA LYS B 6 1.50 -18.77 10.19
C LYS B 6 1.53 -19.45 8.82
N VAL B 7 2.58 -19.12 8.06
CA VAL B 7 2.86 -19.72 6.77
C VAL B 7 4.20 -20.42 6.87
N VAL B 8 4.23 -21.70 6.48
CA VAL B 8 5.48 -22.46 6.41
C VAL B 8 5.82 -22.66 4.94
N LEU B 9 7.03 -22.28 4.55
CA LEU B 9 7.52 -22.46 3.19
C LEU B 9 8.53 -23.60 3.18
N ILE B 10 8.33 -24.55 2.28
CA ILE B 10 9.23 -25.69 2.11
C ILE B 10 9.86 -25.57 0.74
N GLY B 11 11.17 -25.32 0.72
CA GLY B 11 11.88 -25.09 -0.52
C GLY B 11 12.30 -23.63 -0.64
N ALA B 12 13.57 -23.36 -0.34
CA ALA B 12 14.07 -21.99 -0.36
C ALA B 12 14.98 -21.76 -1.57
N GLY B 13 14.52 -22.17 -2.74
CA GLY B 13 15.22 -21.89 -3.98
C GLY B 13 14.86 -20.52 -4.51
N GLY B 14 14.87 -20.38 -5.83
CA GLY B 14 14.52 -19.10 -6.43
C GLY B 14 13.06 -18.76 -6.25
N VAL B 15 12.18 -19.73 -6.52
CA VAL B 15 10.74 -19.49 -6.43
C VAL B 15 10.36 -19.16 -4.99
N GLY B 16 10.80 -20.00 -4.04
CA GLY B 16 10.41 -19.80 -2.66
C GLY B 16 10.97 -18.53 -2.05
N SER B 17 12.23 -18.24 -2.32
CA SER B 17 12.83 -17.02 -1.79
C SER B 17 12.19 -15.77 -2.40
N SER B 18 11.86 -15.82 -3.70
CA SER B 18 11.20 -14.67 -4.32
C SER B 18 9.82 -14.46 -3.74
N PHE B 19 9.07 -15.55 -3.52
CA PHE B 19 7.77 -15.44 -2.88
C PHE B 19 7.89 -14.84 -1.49
N ALA B 20 8.83 -15.35 -0.67
CA ALA B 20 8.97 -14.84 0.69
C ALA B 20 9.31 -13.36 0.69
N TYR B 21 10.24 -12.94 -0.17
CA TYR B 21 10.58 -11.52 -0.31
C TYR B 21 9.35 -10.69 -0.64
N ALA B 22 8.63 -11.08 -1.70
CA ALA B 22 7.43 -10.34 -2.11
C ALA B 22 6.42 -10.28 -0.97
N LEU B 23 6.26 -11.37 -0.23
CA LEU B 23 5.30 -11.40 0.86
C LEU B 23 5.69 -10.42 1.96
N THR B 24 6.99 -10.37 2.32
CA THR B 24 7.38 -9.42 3.35
C THR B 24 7.16 -7.99 2.88
N ILE B 25 7.32 -7.73 1.59
CA ILE B 25 7.07 -6.36 1.10
C ILE B 25 5.58 -6.04 1.11
N ASP B 26 4.76 -6.94 0.57
CA ASP B 26 3.30 -6.74 0.49
C ASP B 26 2.61 -7.83 1.28
N ASN B 27 2.33 -7.55 2.54
CA ASN B 27 1.95 -8.55 3.53
C ASN B 27 0.51 -8.32 3.97
N SER B 28 -0.36 -9.28 3.68
CA SER B 28 -1.75 -9.22 4.15
C SER B 28 -1.90 -10.13 5.38
N LEU B 29 -1.27 -9.70 6.47
CA LEU B 29 -1.44 -10.32 7.78
C LEU B 29 -0.88 -11.74 7.80
N VAL B 30 0.38 -11.89 7.43
CA VAL B 30 1.20 -13.02 7.82
C VAL B 30 2.07 -12.55 8.98
N HIS B 31 1.84 -13.11 10.17
CA HIS B 31 2.61 -12.74 11.34
C HIS B 31 3.92 -13.51 11.43
N GLU B 32 3.94 -14.75 10.95
CA GLU B 32 5.09 -15.63 11.11
C GLU B 32 5.30 -16.41 9.81
N LEU B 33 6.49 -16.26 9.24
CA LEU B 33 6.92 -17.01 8.08
C LEU B 33 8.06 -17.94 8.48
N VAL B 34 7.89 -19.23 8.21
CA VAL B 34 8.88 -20.25 8.58
C VAL B 34 9.41 -20.87 7.30
N ILE B 35 10.73 -20.85 7.14
CA ILE B 35 11.39 -21.30 5.91
C ILE B 35 12.12 -22.60 6.21
N ILE B 36 11.82 -23.63 5.43
CA ILE B 36 12.39 -24.96 5.60
C ILE B 36 13.04 -25.38 4.29
N ASP B 37 14.20 -26.04 4.40
CA ASP B 37 14.88 -26.57 3.23
C ASP B 37 15.84 -27.67 3.67
N VAL B 38 15.95 -28.72 2.85
CA VAL B 38 16.91 -29.78 3.13
C VAL B 38 18.33 -29.20 3.18
N ASN B 39 18.59 -28.16 2.38
CA ASN B 39 19.86 -27.43 2.43
C ASN B 39 19.69 -26.31 3.47
N GLU B 40 20.07 -26.61 4.71
CA GLU B 40 19.74 -25.70 5.81
C GLU B 40 20.58 -24.42 5.76
N ASN B 41 21.77 -24.47 5.17
CA ASN B 41 22.55 -23.25 5.02
C ASN B 41 21.83 -22.24 4.13
N LYS B 42 21.27 -22.70 3.02
CA LYS B 42 20.50 -21.82 2.16
C LYS B 42 19.34 -21.17 2.91
N ALA B 43 18.58 -21.99 3.65
CA ALA B 43 17.44 -21.47 4.39
C ALA B 43 17.88 -20.46 5.44
N LYS B 44 18.96 -20.76 6.17
CA LYS B 44 19.48 -19.80 7.14
C LYS B 44 19.84 -18.48 6.48
N GLY B 45 20.58 -18.55 5.36
CA GLY B 45 21.01 -17.34 4.70
C GLY B 45 19.85 -16.49 4.21
N GLU B 46 18.81 -17.14 3.67
CA GLU B 46 17.64 -16.40 3.22
C GLU B 46 16.89 -15.79 4.38
N VAL B 47 16.76 -16.53 5.49
CA VAL B 47 16.13 -15.98 6.69
C VAL B 47 16.84 -14.71 7.13
N MET B 48 18.18 -14.78 7.18
CA MET B 48 18.95 -13.62 7.62
C MET B 48 18.78 -12.44 6.66
N ASP B 49 18.88 -12.70 5.35
CA ASP B 49 18.79 -11.62 4.38
C ASP B 49 17.41 -10.98 4.38
N LEU B 50 16.36 -11.79 4.60
CA LEU B 50 15.01 -11.23 4.67
C LEU B 50 14.83 -10.42 5.95
N ASN B 51 15.40 -10.87 7.07
CA ASN B 51 15.24 -10.14 8.31
C ASN B 51 16.03 -8.83 8.31
N HIS B 52 17.19 -8.80 7.65
CA HIS B 52 18.04 -7.62 7.69
C HIS B 52 17.39 -6.41 7.06
N GLY B 53 16.31 -6.57 6.29
CA GLY B 53 15.63 -5.47 5.66
C GLY B 53 14.37 -4.99 6.35
N GLN B 54 14.10 -5.43 7.57
CA GLN B 54 12.82 -5.15 8.21
C GLN B 54 12.55 -3.65 8.33
N MET B 55 13.60 -2.87 8.60
CA MET B 55 13.44 -1.43 8.76
C MET B 55 12.77 -0.79 7.56
N PHE B 56 12.86 -1.41 6.38
CA PHE B 56 12.35 -0.82 5.15
C PHE B 56 10.94 -1.29 4.81
N LEU B 57 10.35 -2.17 5.61
CA LEU B 57 9.04 -2.73 5.31
C LEU B 57 7.93 -1.89 5.92
N LYS B 58 6.73 -2.00 5.33
CA LYS B 58 5.57 -1.35 5.91
C LYS B 58 5.20 -1.97 7.26
N LYS B 59 5.33 -3.29 7.38
CA LYS B 59 5.00 -3.99 8.61
C LYS B 59 6.15 -4.93 8.98
N ASN B 60 6.39 -5.07 10.29
CA ASN B 60 7.30 -6.09 10.78
C ASN B 60 6.65 -7.46 10.64
N ILE B 61 7.48 -8.48 10.49
CA ILE B 61 7.00 -9.86 10.36
C ILE B 61 8.07 -10.77 10.94
N ASN B 62 7.64 -11.81 11.64
CA ASN B 62 8.58 -12.79 12.19
C ASN B 62 8.97 -13.80 11.13
N VAL B 63 10.22 -13.77 10.73
CA VAL B 63 10.75 -14.70 9.75
C VAL B 63 11.73 -15.62 10.46
N LEU B 64 11.54 -16.93 10.32
CA LEU B 64 12.28 -17.89 11.12
C LEU B 64 12.76 -19.08 10.30
N PHE B 65 13.91 -19.62 10.71
CA PHE B 65 14.38 -20.92 10.24
C PHE B 65 13.74 -22.00 11.09
N GLY B 66 13.15 -23.01 10.44
CA GLY B 66 12.33 -23.97 11.15
C GLY B 66 12.57 -25.40 10.69
N THR B 67 11.78 -26.30 11.28
CA THR B 67 11.74 -27.72 10.92
C THR B 67 10.27 -28.11 10.71
N TYR B 68 10.04 -29.39 10.44
CA TYR B 68 8.69 -29.87 10.17
C TYR B 68 7.80 -29.78 11.41
N LYS B 69 8.39 -29.79 12.60
CA LYS B 69 7.58 -29.58 13.81
C LYS B 69 6.87 -28.24 13.78
N ASP B 70 7.42 -27.27 13.05
CA ASP B 70 6.75 -25.97 12.93
C ASP B 70 5.46 -26.04 12.13
N CYS B 71 5.20 -27.14 11.42
CA CYS B 71 3.97 -27.27 10.64
C CYS B 71 2.75 -27.58 11.50
N ALA B 72 2.97 -28.01 12.75
CA ALA B 72 1.86 -28.48 13.58
C ALA B 72 0.74 -27.45 13.67
N ASN B 73 1.10 -26.19 13.94
CA ASN B 73 0.11 -25.12 14.11
C ASN B 73 0.14 -24.13 12.96
N ALA B 74 0.64 -24.54 11.80
CA ALA B 74 0.67 -23.65 10.64
C ALA B 74 -0.72 -23.53 10.03
N ASP B 75 -0.99 -22.35 9.47
CA ASP B 75 -2.24 -22.13 8.75
C ASP B 75 -2.10 -22.44 7.28
N ILE B 76 -0.95 -22.16 6.69
CA ILE B 76 -0.72 -22.48 5.29
C ILE B 76 0.66 -23.11 5.12
N VAL B 77 0.77 -24.08 4.20
CA VAL B 77 2.04 -24.69 3.84
C VAL B 77 2.23 -24.50 2.34
N VAL B 78 3.27 -23.75 1.96
CA VAL B 78 3.62 -23.52 0.56
C VAL B 78 4.77 -24.44 0.21
N ILE B 79 4.63 -25.18 -0.88
CA ILE B 79 5.64 -26.16 -1.29
C ILE B 79 6.22 -25.73 -2.63
N THR B 80 7.51 -25.42 -2.62
CA THR B 80 8.27 -25.09 -3.83
C THR B 80 9.49 -25.99 -3.98
N ALA B 81 9.56 -27.08 -3.21
CA ALA B 81 10.72 -27.96 -3.23
C ALA B 81 10.69 -28.88 -4.44
N GLY B 82 11.86 -29.39 -4.80
CA GLY B 82 11.99 -30.34 -5.87
C GLY B 82 12.84 -29.80 -7.00
N LEU B 83 12.89 -30.59 -8.08
CA LEU B 83 13.74 -30.27 -9.22
C LEU B 83 12.97 -29.48 -10.27
N ASN B 84 13.66 -28.54 -10.90
CA ASN B 84 13.16 -27.92 -12.12
C ASN B 84 13.70 -28.71 -13.32
N GLN B 85 12.99 -28.61 -14.44
CA GLN B 85 13.31 -29.49 -15.56
C GLN B 85 14.66 -29.14 -16.15
N LYS B 86 15.39 -30.17 -16.57
CA LYS B 86 16.67 -30.05 -17.25
C LYS B 86 16.55 -30.46 -18.71
N PRO B 87 17.51 -30.09 -19.55
CA PRO B 87 17.45 -30.51 -20.96
C PRO B 87 17.42 -32.02 -21.07
N GLY B 88 16.56 -32.52 -21.96
CA GLY B 88 16.46 -33.94 -22.18
C GLY B 88 15.68 -34.71 -21.14
N GLU B 89 14.65 -34.09 -20.56
CA GLU B 89 13.84 -34.72 -19.54
C GLU B 89 12.38 -34.39 -19.79
N THR B 90 11.57 -35.43 -20.05
CA THR B 90 10.14 -35.25 -20.29
C THR B 90 9.41 -34.97 -18.99
N ARG B 91 8.13 -34.62 -19.10
CA ARG B 91 7.32 -34.41 -17.92
C ARG B 91 7.17 -35.70 -17.13
N LEU B 92 7.41 -36.86 -17.72
CA LEU B 92 7.26 -38.12 -16.98
C LEU B 92 8.37 -38.30 -15.94
N ASP B 93 9.63 -38.09 -16.35
CA ASP B 93 10.74 -38.28 -15.42
C ASP B 93 10.64 -37.33 -14.23
N LEU B 94 10.30 -36.05 -14.49
CA LEU B 94 10.10 -35.11 -13.39
C LEU B 94 8.91 -35.53 -12.54
N VAL B 95 7.83 -36.02 -13.15
CA VAL B 95 6.73 -36.53 -12.34
C VAL B 95 7.26 -37.57 -11.35
N ASP B 96 8.04 -38.53 -11.85
CA ASP B 96 8.59 -39.58 -11.00
C ASP B 96 9.42 -39.00 -9.86
N LYS B 97 10.46 -38.24 -10.22
CA LYS B 97 11.38 -37.70 -9.21
C LYS B 97 10.65 -36.86 -8.18
N ASN B 98 9.80 -35.94 -8.64
CA ASN B 98 9.19 -34.99 -7.73
C ASN B 98 8.10 -35.64 -6.88
N SER B 99 7.37 -36.62 -7.41
CA SER B 99 6.40 -37.32 -6.57
C SER B 99 7.12 -38.12 -5.48
N LYS B 100 8.28 -38.69 -5.81
CA LYS B 100 9.04 -39.38 -4.77
C LYS B 100 9.52 -38.41 -3.70
N ILE B 101 9.93 -37.20 -4.08
CA ILE B 101 10.32 -36.21 -3.08
C ILE B 101 9.12 -35.78 -2.24
N PHE B 102 7.96 -35.59 -2.89
CA PHE B 102 6.78 -35.14 -2.17
C PHE B 102 6.30 -36.19 -1.18
N LYS B 103 6.53 -37.48 -1.45
CA LYS B 103 6.11 -38.48 -0.47
C LYS B 103 6.73 -38.17 0.89
N ASP B 104 8.04 -37.96 0.93
CA ASP B 104 8.72 -37.61 2.17
C ASP B 104 8.18 -36.31 2.74
N ILE B 105 8.11 -35.26 1.91
CA ILE B 105 7.70 -33.96 2.44
C ILE B 105 6.32 -34.07 3.09
N ILE B 106 5.35 -34.63 2.37
CA ILE B 106 3.98 -34.67 2.86
C ILE B 106 3.87 -35.58 4.08
N THR B 107 4.65 -36.67 4.12
CA THR B 107 4.63 -37.52 5.30
C THR B 107 5.03 -36.74 6.54
N ASN B 108 6.15 -36.01 6.45
CA ASN B 108 6.59 -35.23 7.62
C ASN B 108 5.57 -34.16 7.99
N VAL B 109 5.05 -33.45 6.99
CA VAL B 109 4.08 -32.38 7.26
C VAL B 109 2.88 -32.94 8.00
N VAL B 110 2.28 -34.01 7.45
CA VAL B 110 1.06 -34.55 8.03
C VAL B 110 1.33 -35.12 9.41
N SER B 111 2.48 -35.79 9.60
CA SER B 111 2.78 -36.34 10.91
C SER B 111 2.98 -35.26 11.96
N SER B 112 3.36 -34.04 11.56
CA SER B 112 3.50 -32.98 12.55
C SER B 112 2.17 -32.58 13.17
N GLY B 113 1.04 -32.92 12.56
CA GLY B 113 -0.27 -32.49 13.02
C GLY B 113 -0.90 -31.39 12.20
N PHE B 114 -0.25 -30.96 11.11
CA PHE B 114 -0.79 -29.90 10.27
C PHE B 114 -2.19 -30.24 9.78
N ASP B 115 -3.06 -29.23 9.81
CA ASP B 115 -4.42 -29.39 9.28
C ASP B 115 -4.88 -28.14 8.53
N GLY B 116 -3.94 -27.40 7.94
CA GLY B 116 -4.27 -26.18 7.23
C GLY B 116 -4.47 -26.37 5.73
N ILE B 117 -3.98 -25.41 4.94
CA ILE B 117 -4.17 -25.40 3.49
C ILE B 117 -2.82 -25.58 2.81
N PHE B 118 -2.79 -26.43 1.79
CA PHE B 118 -1.60 -26.66 0.97
C PHE B 118 -1.65 -25.75 -0.26
N VAL B 119 -0.54 -25.09 -0.56
CA VAL B 119 -0.36 -24.34 -1.80
C VAL B 119 0.87 -24.89 -2.51
N VAL B 120 0.67 -25.46 -3.70
CA VAL B 120 1.70 -26.23 -4.38
C VAL B 120 2.13 -25.48 -5.64
N ALA B 121 3.46 -25.37 -5.83
CA ALA B 121 4.02 -24.75 -7.02
C ALA B 121 5.02 -25.62 -7.76
N SER B 122 5.61 -26.64 -7.12
CA SER B 122 6.57 -27.49 -7.80
C SER B 122 5.94 -28.13 -9.03
N ASN B 123 6.75 -28.33 -10.08
CA ASN B 123 6.27 -28.83 -11.36
C ASN B 123 6.39 -30.35 -11.45
N PRO B 124 5.58 -31.00 -12.32
CA PRO B 124 4.44 -30.43 -13.07
C PRO B 124 3.29 -30.14 -12.11
N VAL B 125 2.86 -28.88 -12.04
CA VAL B 125 2.13 -28.38 -10.89
C VAL B 125 0.80 -29.11 -10.71
N ASP B 126 0.09 -29.39 -11.81
CA ASP B 126 -1.20 -30.05 -11.70
C ASP B 126 -1.07 -31.46 -11.12
N ILE B 127 -0.06 -32.21 -11.59
CA ILE B 127 0.16 -33.56 -11.09
C ILE B 127 0.67 -33.51 -9.66
N MET B 128 1.54 -32.56 -9.32
CA MET B 128 2.02 -32.47 -7.95
C MET B 128 0.89 -32.07 -7.00
N THR B 129 -0.08 -31.28 -7.47
CA THR B 129 -1.25 -30.99 -6.66
C THR B 129 -2.07 -32.26 -6.40
N TYR B 130 -2.30 -33.03 -7.46
CA TYR B 130 -2.98 -34.32 -7.28
C TYR B 130 -2.24 -35.20 -6.28
N VAL B 131 -0.92 -35.26 -6.40
CA VAL B 131 -0.11 -36.11 -5.53
C VAL B 131 -0.20 -35.63 -4.08
N THR B 132 -0.15 -34.30 -3.87
CA THR B 132 -0.29 -33.76 -2.53
C THR B 132 -1.62 -34.18 -1.92
N MET B 133 -2.70 -34.07 -2.70
CA MET B 133 -4.01 -34.48 -2.19
C MET B 133 -4.04 -35.96 -1.85
N LYS B 134 -3.48 -36.80 -2.72
CA LYS B 134 -3.56 -38.24 -2.48
C LYS B 134 -2.70 -38.65 -1.29
N TYR B 135 -1.49 -38.10 -1.17
CA TYR B 135 -0.60 -38.47 -0.08
C TYR B 135 -1.11 -37.94 1.25
N SER B 136 -1.76 -36.78 1.26
CA SER B 136 -2.09 -36.12 2.52
C SER B 136 -3.40 -36.60 3.14
N LYS B 137 -4.30 -37.16 2.34
CA LYS B 137 -5.67 -37.49 2.71
C LYS B 137 -6.55 -36.25 2.89
N PHE B 138 -6.04 -35.05 2.61
CA PHE B 138 -6.79 -33.84 2.90
C PHE B 138 -8.02 -33.71 1.99
N PRO B 139 -9.03 -32.97 2.43
CA PRO B 139 -10.15 -32.65 1.51
C PRO B 139 -9.64 -31.94 0.27
N ILE B 140 -10.26 -32.22 -0.87
CA ILE B 140 -9.78 -31.71 -2.14
C ILE B 140 -9.71 -30.18 -2.13
N HIS B 141 -10.63 -29.53 -1.40
CA HIS B 141 -10.67 -28.08 -1.37
C HIS B 141 -9.59 -27.46 -0.50
N LYS B 142 -8.83 -28.26 0.23
CA LYS B 142 -7.73 -27.77 1.05
C LYS B 142 -6.39 -27.89 0.35
N VAL B 143 -6.39 -28.26 -0.93
CA VAL B 143 -5.16 -28.45 -1.72
C VAL B 143 -5.28 -27.57 -2.96
N ILE B 144 -4.40 -26.57 -3.05
CA ILE B 144 -4.41 -25.62 -4.17
C ILE B 144 -3.06 -25.71 -4.89
N GLY B 145 -3.12 -25.66 -6.22
CA GLY B 145 -1.93 -25.50 -7.03
C GLY B 145 -1.98 -24.21 -7.80
N THR B 146 -0.83 -23.70 -8.27
CA THR B 146 -0.81 -22.43 -8.97
C THR B 146 -1.39 -22.55 -10.39
N GLY B 147 -1.44 -23.76 -10.94
CA GLY B 147 -2.10 -23.95 -12.22
C GLY B 147 -1.55 -23.06 -13.31
N THR B 148 -2.45 -22.42 -14.05
CA THR B 148 -2.10 -21.56 -15.17
C THR B 148 -2.11 -20.08 -14.82
N ILE B 149 -1.96 -19.75 -13.54
CA ILE B 149 -1.95 -18.34 -13.14
C ILE B 149 -0.75 -17.63 -13.76
N LEU B 150 0.38 -18.32 -13.87
CA LEU B 150 1.56 -17.70 -14.48
C LEU B 150 1.41 -17.55 -15.99
N ASP B 151 0.89 -18.60 -16.66
CA ASP B 151 0.62 -18.48 -18.09
C ASP B 151 -0.38 -17.37 -18.37
N THR B 152 -1.41 -17.26 -17.54
CA THR B 152 -2.39 -16.19 -17.71
C THR B 152 -1.74 -14.82 -17.50
N SER B 153 -0.82 -14.71 -16.54
CA SER B 153 -0.14 -13.43 -16.35
C SER B 153 0.71 -13.07 -17.57
N ARG B 154 1.45 -14.04 -18.11
CA ARG B 154 2.21 -13.79 -19.33
C ARG B 154 1.29 -13.36 -20.48
N LEU B 155 0.17 -14.06 -20.64
CA LEU B 155 -0.77 -13.75 -21.71
C LEU B 155 -1.28 -12.32 -21.59
N ARG B 156 -1.70 -11.93 -20.38
CA ARG B 156 -2.26 -10.61 -20.21
C ARG B 156 -1.19 -9.53 -20.36
N TYR B 157 0.06 -9.82 -20.03
CA TYR B 157 1.12 -8.85 -20.33
C TYR B 157 1.28 -8.68 -21.84
N PHE B 158 1.34 -9.79 -22.58
CA PHE B 158 1.50 -9.68 -24.03
C PHE B 158 0.36 -8.87 -24.64
N LEU B 159 -0.88 -9.17 -24.23
CA LEU B 159 -2.02 -8.44 -24.79
C LEU B 159 -2.00 -6.98 -24.37
N SER B 160 -1.62 -6.70 -23.12
CA SER B 160 -1.56 -5.32 -22.65
C SER B 160 -0.55 -4.51 -23.46
N ASP B 161 0.59 -5.12 -23.80
CA ASP B 161 1.57 -4.41 -24.61
C ASP B 161 1.07 -4.22 -26.04
N HIS B 162 0.39 -5.24 -26.60
CA HIS B 162 -0.10 -5.11 -27.98
C HIS B 162 -1.15 -4.01 -28.09
N PHE B 163 -2.14 -4.02 -27.21
CA PHE B 163 -3.21 -3.03 -27.24
C PHE B 163 -2.89 -1.78 -26.43
N ASN B 164 -1.77 -1.74 -25.74
CA ASN B 164 -1.38 -0.63 -24.88
C ASN B 164 -2.50 -0.25 -23.92
N VAL B 165 -3.04 -1.27 -23.26
CA VAL B 165 -4.07 -1.12 -22.24
C VAL B 165 -3.58 -1.83 -20.99
N ASN B 166 -3.94 -1.27 -19.83
CA ASN B 166 -3.51 -1.84 -18.55
C ASN B 166 -3.93 -3.30 -18.43
N THR B 167 -3.06 -4.11 -17.82
CA THR B 167 -3.38 -5.53 -17.62
C THR B 167 -4.68 -5.69 -16.87
N GLN B 168 -5.02 -4.72 -16.01
CA GLN B 168 -6.27 -4.77 -15.27
C GLN B 168 -7.47 -5.03 -16.17
N ASN B 169 -7.41 -4.57 -17.42
CA ASN B 169 -8.55 -4.62 -18.32
C ASN B 169 -8.47 -5.75 -19.35
N ILE B 170 -7.46 -6.61 -19.26
CA ILE B 170 -7.31 -7.73 -20.18
C ILE B 170 -8.00 -8.95 -19.55
N HIS B 171 -9.14 -9.34 -20.11
CA HIS B 171 -9.96 -10.42 -19.57
C HIS B 171 -9.83 -11.63 -20.48
N SER B 172 -8.85 -12.47 -20.17
CA SER B 172 -8.51 -13.64 -20.95
C SER B 172 -7.79 -14.62 -20.03
N TYR B 173 -7.92 -15.90 -20.35
CA TYR B 173 -7.37 -16.97 -19.52
C TYR B 173 -6.50 -17.87 -20.38
N ILE B 174 -5.48 -18.47 -19.75
CA ILE B 174 -4.86 -19.69 -20.22
C ILE B 174 -5.36 -20.82 -19.34
N MET B 175 -5.84 -21.90 -19.95
CA MET B 175 -6.41 -23.01 -19.22
C MET B 175 -5.78 -24.32 -19.68
N GLY B 176 -6.11 -25.39 -18.97
CA GLY B 176 -5.53 -26.69 -19.22
C GLY B 176 -4.26 -26.93 -18.41
N GLU B 177 -3.40 -27.81 -18.93
CA GLU B 177 -2.15 -28.13 -18.26
C GLU B 177 -1.23 -26.91 -18.22
N HIS B 178 -0.57 -26.71 -17.08
CA HIS B 178 0.53 -25.75 -17.02
C HIS B 178 1.71 -26.33 -17.80
N GLY B 179 1.76 -26.05 -19.09
CA GLY B 179 2.76 -26.68 -19.95
C GLY B 179 2.40 -26.51 -21.42
N ASP B 180 2.86 -27.46 -22.22
CA ASP B 180 2.79 -27.32 -23.67
C ASP B 180 1.38 -27.53 -24.24
N SER B 181 0.50 -28.24 -23.53
CA SER B 181 -0.84 -28.52 -24.02
C SER B 181 -1.88 -27.54 -23.51
N SER B 182 -1.45 -26.35 -23.08
CA SER B 182 -2.38 -25.32 -22.63
C SER B 182 -3.02 -24.62 -23.83
N PHE B 183 -4.04 -23.82 -23.56
CA PHE B 183 -4.68 -23.06 -24.62
C PHE B 183 -5.23 -21.75 -24.07
N ALA B 184 -5.39 -20.77 -24.97
CA ALA B 184 -5.97 -19.48 -24.64
C ALA B 184 -7.46 -19.48 -24.96
N THR B 185 -8.21 -18.70 -24.18
CA THR B 185 -9.66 -18.58 -24.36
C THR B 185 -10.00 -17.42 -25.30
N TRP B 186 -9.47 -17.52 -26.53
CA TRP B 186 -9.60 -16.40 -27.47
C TRP B 186 -11.06 -16.04 -27.73
N ASP B 187 -11.91 -17.05 -27.90
CA ASP B 187 -13.30 -16.79 -28.28
C ASP B 187 -14.11 -16.16 -27.16
N GLU B 188 -13.59 -16.14 -25.94
CA GLU B 188 -14.26 -15.52 -24.80
C GLU B 188 -13.50 -14.32 -24.25
N THR B 189 -12.52 -13.82 -25.00
CA THR B 189 -11.63 -12.76 -24.53
C THR B 189 -12.24 -11.39 -24.76
N LYS B 190 -12.12 -10.53 -23.76
CA LYS B 190 -12.59 -9.15 -23.83
C LYS B 190 -11.48 -8.21 -23.35
N ILE B 191 -11.43 -7.03 -23.96
CA ILE B 191 -10.61 -5.91 -23.49
C ILE B 191 -11.58 -4.89 -22.90
N ALA B 192 -11.61 -4.78 -21.57
CA ALA B 192 -12.71 -4.13 -20.87
C ALA B 192 -13.97 -4.88 -21.28
N MET B 193 -14.96 -4.23 -21.89
CA MET B 193 -16.16 -4.94 -22.36
C MET B 193 -16.20 -5.10 -23.87
N LYS B 194 -15.10 -4.79 -24.57
CA LYS B 194 -15.07 -4.89 -26.02
C LYS B 194 -14.58 -6.28 -26.43
N PRO B 195 -15.39 -7.10 -27.09
CA PRO B 195 -14.94 -8.45 -27.45
C PRO B 195 -13.77 -8.43 -28.42
N LEU B 196 -12.93 -9.46 -28.32
CA LEU B 196 -11.78 -9.58 -29.21
C LEU B 196 -12.22 -9.71 -30.65
N SER B 197 -13.39 -10.31 -30.90
CA SER B 197 -13.89 -10.44 -32.26
C SER B 197 -13.95 -9.09 -32.95
N GLU B 198 -14.32 -8.04 -32.20
CA GLU B 198 -14.40 -6.72 -32.80
C GLU B 198 -13.04 -6.19 -33.21
N TYR B 199 -12.04 -6.34 -32.33
CA TYR B 199 -10.68 -5.96 -32.71
C TYR B 199 -10.23 -6.71 -33.96
N LEU B 200 -10.57 -7.99 -34.06
CA LEU B 200 -10.24 -8.75 -35.26
C LEU B 200 -10.93 -8.17 -36.48
N ALA B 201 -12.21 -7.80 -36.36
CA ALA B 201 -12.93 -7.25 -37.49
C ALA B 201 -12.33 -5.93 -37.96
N GLU B 202 -11.73 -5.17 -37.06
CA GLU B 202 -11.24 -3.84 -37.39
C GLU B 202 -9.78 -3.83 -37.82
N GLY B 203 -9.17 -5.00 -38.00
CA GLY B 203 -7.75 -5.04 -38.27
C GLY B 203 -6.89 -4.59 -37.11
N LYS B 204 -7.46 -4.46 -35.91
CA LYS B 204 -6.66 -4.16 -34.73
C LYS B 204 -5.70 -5.29 -34.37
N ILE B 205 -6.01 -6.52 -34.83
CA ILE B 205 -5.16 -7.67 -34.57
C ILE B 205 -5.59 -8.77 -35.52
N THR B 206 -4.72 -9.75 -35.74
CA THR B 206 -4.95 -10.80 -36.71
C THR B 206 -4.84 -12.18 -36.06
N GLU B 207 -5.42 -13.18 -36.73
CA GLU B 207 -5.35 -14.55 -36.24
C GLU B 207 -3.89 -15.00 -36.11
N LEU B 208 -3.05 -14.61 -37.06
CA LEU B 208 -1.63 -14.93 -36.98
C LEU B 208 -1.02 -14.39 -35.70
N GLU B 209 -1.27 -13.12 -35.40
CA GLU B 209 -0.74 -12.52 -34.18
C GLU B 209 -1.22 -13.25 -32.94
N LEU B 210 -2.46 -13.75 -32.96
CA LEU B 210 -2.96 -14.52 -31.83
C LEU B 210 -2.19 -15.82 -31.66
N ASP B 211 -1.98 -16.55 -32.76
CA ASP B 211 -1.17 -17.77 -32.67
C ASP B 211 0.23 -17.45 -32.16
N GLU B 212 0.81 -16.34 -32.64
CA GLU B 212 2.11 -15.89 -32.17
C GLU B 212 2.11 -15.66 -30.66
N ILE B 213 1.05 -15.02 -30.15
CA ILE B 213 0.98 -14.77 -28.71
C ILE B 213 0.91 -16.07 -27.93
N HIS B 214 0.09 -17.01 -28.41
CA HIS B 214 -0.03 -18.28 -27.69
C HIS B 214 1.31 -19.01 -27.65
N LYS B 215 2.06 -18.96 -28.74
CA LYS B 215 3.35 -19.65 -28.76
C LYS B 215 4.39 -18.92 -27.91
N LYS B 216 4.33 -17.59 -27.86
CA LYS B 216 5.16 -16.85 -26.91
C LYS B 216 4.88 -17.32 -25.48
N VAL B 217 3.60 -17.49 -25.14
CA VAL B 217 3.24 -17.97 -23.82
C VAL B 217 3.82 -19.37 -23.59
N VAL B 218 3.69 -20.25 -24.59
CA VAL B 218 4.14 -21.62 -24.42
C VAL B 218 5.65 -21.68 -24.19
N ASN B 219 6.41 -20.84 -24.90
CA ASN B 219 7.87 -20.89 -24.86
C ASN B 219 8.50 -19.88 -23.89
N ALA B 220 7.69 -19.14 -23.14
CA ALA B 220 8.24 -18.13 -22.23
C ALA B 220 9.26 -18.74 -21.27
N ALA B 221 8.92 -19.85 -20.62
CA ALA B 221 9.80 -20.40 -19.61
C ALA B 221 11.13 -20.84 -20.21
N TYR B 222 11.07 -21.50 -21.37
CA TYR B 222 12.30 -21.88 -22.06
C TYR B 222 13.15 -20.65 -22.36
N GLU B 223 12.53 -19.58 -22.85
CA GLU B 223 13.30 -18.37 -23.16
C GLU B 223 13.97 -17.80 -21.92
N VAL B 224 13.20 -17.66 -20.83
CA VAL B 224 13.76 -17.07 -19.62
C VAL B 224 14.87 -17.94 -19.06
N ILE B 225 14.72 -19.27 -19.14
CA ILE B 225 15.74 -20.16 -18.60
C ILE B 225 17.00 -20.08 -19.45
N LYS B 226 16.85 -20.01 -20.77
CA LYS B 226 18.00 -19.74 -21.63
C LYS B 226 18.73 -18.48 -21.19
N LEU B 227 17.97 -17.43 -20.90
CA LEU B 227 18.59 -16.12 -20.69
C LEU B 227 19.18 -15.94 -19.29
N LYS B 228 18.57 -16.53 -18.26
CA LYS B 228 19.01 -16.28 -16.90
C LYS B 228 19.03 -17.50 -15.99
N GLY B 229 18.76 -18.70 -16.51
CA GLY B 229 18.90 -19.95 -15.75
C GLY B 229 17.60 -20.48 -15.16
N ALA B 230 16.66 -19.62 -14.79
CA ALA B 230 15.39 -20.03 -14.14
C ALA B 230 14.40 -18.88 -14.09
N THR B 231 13.12 -19.16 -13.90
CA THR B 231 12.07 -18.12 -13.71
C THR B 231 11.72 -18.16 -12.22
N TYR B 232 11.52 -17.02 -11.58
CA TYR B 232 11.07 -17.01 -10.15
C TYR B 232 10.32 -15.73 -9.74
N TYR B 233 10.50 -14.59 -10.40
CA TYR B 233 9.87 -13.32 -9.97
C TYR B 233 8.35 -13.35 -10.19
N ALA B 234 7.89 -13.72 -11.38
CA ALA B 234 6.45 -13.73 -11.72
C ALA B 234 5.71 -14.80 -10.90
N ILE B 235 6.29 -15.99 -10.74
CA ILE B 235 5.67 -17.10 -9.96
C ILE B 235 5.67 -16.69 -8.49
N GLY B 236 6.67 -15.97 -8.02
CA GLY B 236 6.69 -15.50 -6.66
C GLY B 236 5.52 -14.57 -6.37
N LEU B 237 5.28 -13.61 -7.27
CA LEU B 237 4.13 -12.72 -7.12
C LEU B 237 2.82 -13.49 -7.17
N GLY B 238 2.72 -14.50 -8.06
CA GLY B 238 1.50 -15.27 -8.12
C GLY B 238 1.20 -15.98 -6.81
N ILE B 239 2.21 -16.62 -6.22
CA ILE B 239 2.01 -17.31 -4.96
C ILE B 239 1.65 -16.32 -3.86
N LYS B 240 2.34 -15.17 -3.82
CA LYS B 240 2.00 -14.14 -2.83
C LYS B 240 0.55 -13.73 -2.95
N ASN B 241 0.07 -13.53 -4.19
CA ASN B 241 -1.32 -13.11 -4.36
C ASN B 241 -2.29 -14.18 -3.90
N ILE B 242 -1.98 -15.45 -4.19
CA ILE B 242 -2.84 -16.53 -3.69
C ILE B 242 -2.91 -16.49 -2.16
N VAL B 243 -1.74 -16.40 -1.51
CA VAL B 243 -1.70 -16.47 -0.05
C VAL B 243 -2.48 -15.31 0.56
N ASN B 244 -2.32 -14.11 -0.01
CA ASN B 244 -3.05 -12.95 0.53
C ASN B 244 -4.54 -13.07 0.27
N ALA B 245 -4.93 -13.62 -0.89
CA ALA B 245 -6.34 -13.85 -1.14
C ALA B 245 -6.94 -14.80 -0.12
N ILE B 246 -6.17 -15.82 0.27
CA ILE B 246 -6.65 -16.76 1.27
C ILE B 246 -6.81 -16.07 2.62
N ILE B 247 -5.72 -15.50 3.14
CA ILE B 247 -5.78 -14.93 4.48
C ILE B 247 -6.81 -13.79 4.54
N GLY B 248 -6.98 -13.07 3.45
CA GLY B 248 -7.95 -11.99 3.39
C GLY B 248 -9.37 -12.40 3.12
N ASP B 249 -9.63 -13.69 2.89
CA ASP B 249 -10.97 -14.20 2.62
C ASP B 249 -11.65 -13.40 1.51
N GLN B 250 -10.94 -13.23 0.40
CA GLN B 250 -11.35 -12.26 -0.60
C GLN B 250 -12.36 -12.80 -1.61
N ASN B 251 -12.61 -14.11 -1.64
CA ASN B 251 -13.59 -14.69 -2.56
C ASN B 251 -13.27 -14.30 -4.00
N VAL B 252 -12.01 -14.38 -4.37
CA VAL B 252 -11.59 -13.91 -5.69
C VAL B 252 -11.44 -15.10 -6.62
N ILE B 253 -11.75 -14.90 -7.90
CA ILE B 253 -11.70 -15.98 -8.88
C ILE B 253 -10.35 -15.96 -9.58
N LEU B 254 -9.70 -17.12 -9.64
CA LEU B 254 -8.37 -17.25 -10.20
C LEU B 254 -8.24 -18.55 -10.98
N PRO B 255 -7.38 -18.59 -12.01
CA PRO B 255 -7.16 -19.84 -12.78
C PRO B 255 -6.11 -20.74 -12.16
N ILE B 256 -6.52 -21.48 -11.13
CA ILE B 256 -5.57 -22.29 -10.36
C ILE B 256 -5.68 -23.74 -10.79
N SER B 257 -4.88 -24.61 -10.16
CA SER B 257 -5.06 -26.05 -10.28
C SER B 257 -6.33 -26.45 -9.54
N SER B 258 -7.40 -26.73 -10.28
CA SER B 258 -8.72 -27.00 -9.72
C SER B 258 -9.14 -28.43 -10.02
N TYR B 259 -9.84 -29.04 -9.06
CA TYR B 259 -10.32 -30.41 -9.20
C TYR B 259 -11.62 -30.41 -9.99
N ILE B 260 -11.63 -31.09 -11.14
CA ILE B 260 -12.83 -31.20 -11.96
C ILE B 260 -13.44 -32.59 -11.79
N ASN B 261 -14.77 -32.64 -11.76
CA ASN B 261 -15.48 -33.91 -11.73
C ASN B 261 -16.88 -33.71 -12.32
N GLY B 262 -16.94 -33.16 -13.52
CA GLY B 262 -18.20 -32.93 -14.18
C GLY B 262 -18.19 -31.68 -15.04
N GLN B 263 -17.39 -30.70 -14.66
CA GLN B 263 -17.33 -29.44 -15.38
C GLN B 263 -16.75 -29.63 -16.77
N TYR B 264 -17.13 -28.74 -17.69
CA TYR B 264 -16.58 -28.67 -19.04
C TYR B 264 -16.85 -29.95 -19.82
N GLY B 265 -18.11 -30.38 -19.80
CA GLY B 265 -18.54 -31.57 -20.48
C GLY B 265 -18.38 -32.84 -19.67
N GLY B 266 -17.42 -32.87 -18.75
CA GLY B 266 -17.25 -34.01 -17.88
C GLY B 266 -16.68 -35.24 -18.53
N LEU B 267 -16.05 -35.10 -19.70
CA LEU B 267 -15.49 -36.28 -20.36
C LEU B 267 -14.28 -36.81 -19.59
N ILE B 268 -13.50 -35.91 -18.99
CA ILE B 268 -12.43 -36.30 -18.08
C ILE B 268 -12.78 -35.80 -16.70
N LYS B 269 -12.63 -36.67 -15.70
CA LYS B 269 -13.01 -36.33 -14.33
C LYS B 269 -11.93 -36.78 -13.37
N ASP B 270 -11.96 -36.20 -12.16
CA ASP B 270 -11.08 -36.60 -11.06
C ASP B 270 -9.63 -36.25 -11.34
N ILE B 271 -9.38 -35.04 -11.83
CA ILE B 271 -8.02 -34.52 -11.96
C ILE B 271 -8.00 -33.06 -11.58
N TYR B 272 -6.79 -32.58 -11.24
CA TYR B 272 -6.53 -31.16 -11.11
C TYR B 272 -6.03 -30.62 -12.44
N ILE B 273 -6.52 -29.44 -12.82
CA ILE B 273 -6.15 -28.82 -14.09
C ILE B 273 -6.36 -27.33 -13.97
N GLY B 274 -5.66 -26.57 -14.81
CA GLY B 274 -5.78 -25.12 -14.78
C GLY B 274 -7.15 -24.63 -15.19
N ALA B 275 -7.89 -24.04 -14.24
CA ALA B 275 -9.26 -23.63 -14.46
C ALA B 275 -9.65 -22.61 -13.39
N PRO B 276 -10.69 -21.81 -13.65
CA PRO B 276 -11.09 -20.78 -12.68
C PRO B 276 -11.83 -21.35 -11.48
N ALA B 277 -11.46 -20.83 -10.30
CA ALA B 277 -12.11 -21.21 -9.06
C ALA B 277 -12.09 -20.03 -8.10
N ILE B 278 -13.06 -20.04 -7.18
CA ILE B 278 -13.17 -19.00 -6.16
C ILE B 278 -12.30 -19.38 -4.97
N VAL B 279 -11.46 -18.46 -4.54
CA VAL B 279 -10.53 -18.68 -3.44
C VAL B 279 -10.93 -17.80 -2.26
N CYS B 280 -10.85 -18.39 -1.07
CA CYS B 280 -11.33 -17.77 0.16
C CYS B 280 -10.52 -18.33 1.33
N LYS B 281 -11.01 -18.06 2.54
CA LYS B 281 -10.25 -18.37 3.75
C LYS B 281 -10.10 -19.87 4.00
N GLU B 282 -11.10 -20.65 3.65
CA GLU B 282 -11.03 -22.09 3.91
C GLU B 282 -10.44 -22.88 2.75
N GLY B 283 -10.01 -22.22 1.68
CA GLY B 283 -9.45 -22.90 0.53
C GLY B 283 -10.21 -22.62 -0.75
N VAL B 284 -10.51 -23.66 -1.51
CA VAL B 284 -11.30 -23.55 -2.73
C VAL B 284 -12.77 -23.71 -2.36
N LYS B 285 -13.55 -22.64 -2.54
CA LYS B 285 -14.97 -22.69 -2.23
C LYS B 285 -15.81 -23.23 -3.38
N GLU B 286 -15.38 -23.02 -4.62
CA GLU B 286 -16.12 -23.53 -5.76
C GLU B 286 -15.24 -23.53 -7.00
N VAL B 287 -15.20 -24.67 -7.70
CA VAL B 287 -14.58 -24.78 -9.01
C VAL B 287 -15.67 -24.50 -10.04
N LEU B 288 -15.46 -23.47 -10.86
CA LEU B 288 -16.53 -22.97 -11.71
C LEU B 288 -16.61 -23.72 -13.03
N ASN B 289 -17.66 -23.42 -13.79
CA ASN B 289 -17.95 -24.06 -15.06
C ASN B 289 -18.57 -23.03 -15.97
N PHE B 290 -18.06 -22.91 -17.19
CA PHE B 290 -18.64 -22.01 -18.18
C PHE B 290 -18.39 -22.60 -19.56
N LYS B 291 -19.16 -22.12 -20.53
CA LYS B 291 -19.11 -22.66 -21.88
C LYS B 291 -17.91 -22.09 -22.63
N ILE B 292 -17.06 -22.98 -23.14
CA ILE B 292 -15.97 -22.60 -24.04
C ILE B 292 -16.32 -23.14 -25.42
N SER B 293 -15.71 -22.54 -26.45
CA SER B 293 -16.03 -22.89 -27.82
C SER B 293 -15.66 -24.34 -28.11
N PRO B 294 -16.28 -24.94 -29.14
CA PRO B 294 -16.01 -26.38 -29.41
C PRO B 294 -14.55 -26.69 -29.68
N LYS B 295 -13.85 -25.85 -30.44
CA LYS B 295 -12.42 -26.10 -30.67
C LYS B 295 -11.63 -25.97 -29.37
N GLU B 296 -11.96 -24.97 -28.55
CA GLU B 296 -11.29 -24.83 -27.26
C GLU B 296 -11.63 -25.99 -26.34
N LEU B 297 -12.85 -26.53 -26.44
CA LEU B 297 -13.19 -27.70 -25.64
C LEU B 297 -12.42 -28.93 -26.11
N ASP B 298 -12.21 -29.07 -27.42
CA ASP B 298 -11.33 -30.12 -27.92
C ASP B 298 -9.95 -30.01 -27.29
N LYS B 299 -9.39 -28.79 -27.28
CA LYS B 299 -8.09 -28.59 -26.66
C LYS B 299 -8.11 -28.93 -25.17
N PHE B 300 -9.16 -28.51 -24.46
CA PHE B 300 -9.25 -28.79 -23.03
C PHE B 300 -9.28 -30.29 -22.77
N ASN B 301 -10.09 -31.01 -23.54
CA ASN B 301 -10.21 -32.46 -23.35
C ASN B 301 -8.90 -33.16 -23.68
N SER B 302 -8.18 -32.69 -24.71
CA SER B 302 -6.88 -33.28 -25.00
C SER B 302 -5.90 -33.05 -23.86
N SER B 303 -5.86 -31.84 -23.30
CA SER B 303 -4.95 -31.57 -22.19
C SER B 303 -5.29 -32.44 -20.98
N ALA B 304 -6.58 -32.52 -20.65
CA ALA B 304 -7.00 -33.33 -19.50
C ALA B 304 -6.70 -34.81 -19.74
N ASN B 305 -6.87 -35.27 -20.99
CA ASN B 305 -6.54 -36.65 -21.32
C ASN B 305 -5.05 -36.92 -21.10
N GLN B 306 -4.20 -35.97 -21.50
CA GLN B 306 -2.77 -36.10 -21.23
C GLN B 306 -2.51 -36.25 -19.73
N LEU B 307 -3.05 -35.33 -18.93
CA LEU B 307 -2.80 -35.38 -17.50
C LEU B 307 -3.31 -36.69 -16.89
N LYS B 308 -4.50 -37.13 -17.30
CA LYS B 308 -5.05 -38.37 -16.77
C LYS B 308 -4.20 -39.57 -17.17
N SER B 309 -3.60 -39.56 -18.35
CA SER B 309 -2.69 -40.66 -18.80
C SER B 309 -1.53 -40.79 -17.82
N TYR B 310 -0.87 -39.69 -17.46
CA TYR B 310 0.31 -39.68 -16.56
C TYR B 310 -0.10 -40.18 -15.17
N ILE B 311 -1.26 -39.76 -14.68
CA ILE B 311 -1.77 -40.16 -13.34
C ILE B 311 -2.05 -41.66 -13.34
N ASP B 312 -2.96 -42.14 -14.19
CA ASP B 312 -3.39 -43.56 -14.22
C ASP B 312 -2.18 -44.50 -14.17
N LYS B 313 -1.09 -44.17 -14.86
CA LYS B 313 0.14 -44.99 -14.81
C LYS B 313 0.38 -45.40 -13.37
N MET B 314 0.47 -44.44 -12.45
CA MET B 314 0.72 -44.70 -11.00
C MET B 314 -0.59 -44.96 -10.26
N MET C 1 -8.94 -22.94 11.39
CA MET C 1 -7.67 -22.22 11.72
C MET C 1 -7.79 -20.72 11.45
N LEU C 2 -7.78 -20.26 10.19
CA LEU C 2 -7.82 -18.81 9.85
C LEU C 2 -9.18 -18.25 10.26
N LYS C 3 -9.20 -17.04 10.77
CA LYS C 3 -10.45 -16.44 11.31
C LYS C 3 -10.86 -15.15 10.61
N SER C 4 -12.07 -14.69 10.85
CA SER C 4 -12.59 -13.41 10.35
C SER C 4 -12.47 -12.38 11.49
N ASN C 5 -11.58 -11.41 11.36
CA ASN C 5 -11.36 -10.39 12.38
C ASN C 5 -12.49 -9.37 12.37
N LYS C 6 -13.08 -9.13 13.53
CA LYS C 6 -14.31 -8.35 13.65
C LYS C 6 -14.07 -7.13 14.53
N VAL C 7 -14.39 -5.96 13.97
CA VAL C 7 -14.34 -4.68 14.67
C VAL C 7 -15.77 -4.15 14.70
N VAL C 8 -16.23 -3.76 15.88
CA VAL C 8 -17.52 -3.13 16.07
C VAL C 8 -17.29 -1.67 16.41
N LEU C 9 -17.87 -0.77 15.62
CA LEU C 9 -17.75 0.66 15.83
C LEU C 9 -19.05 1.18 16.45
N ILE C 10 -18.94 1.84 17.60
CA ILE C 10 -20.09 2.36 18.34
C ILE C 10 -20.00 3.88 18.28
N GLY C 11 -20.91 4.48 17.51
CA GLY C 11 -20.87 5.90 17.28
C GLY C 11 -20.46 6.22 15.85
N ALA C 12 -21.43 6.53 15.01
CA ALA C 12 -21.19 6.74 13.58
C ALA C 12 -21.27 8.21 13.20
N GLY C 13 -20.67 9.08 14.01
CA GLY C 13 -20.56 10.48 13.69
C GLY C 13 -19.38 10.76 12.79
N GLY C 14 -18.87 11.98 12.86
CA GLY C 14 -17.73 12.35 12.03
C GLY C 14 -16.48 11.55 12.35
N VAL C 15 -16.17 11.39 13.63
CA VAL C 15 -14.97 10.67 14.03
C VAL C 15 -15.08 9.20 13.63
N GLY C 16 -16.17 8.55 14.02
CA GLY C 16 -16.32 7.14 13.69
C GLY C 16 -16.37 6.88 12.20
N SER C 17 -17.09 7.73 11.47
CA SER C 17 -17.19 7.57 10.03
C SER C 17 -15.86 7.79 9.34
N SER C 18 -15.10 8.80 9.78
CA SER C 18 -13.77 9.01 9.20
C SER C 18 -12.87 7.81 9.46
N PHE C 19 -12.90 7.27 10.69
CA PHE C 19 -12.12 6.08 10.99
C PHE C 19 -12.51 4.91 10.10
N ALA C 20 -13.82 4.69 9.94
CA ALA C 20 -14.29 3.59 9.11
C ALA C 20 -13.81 3.74 7.67
N TYR C 21 -13.99 4.93 7.09
CA TYR C 21 -13.50 5.22 5.74
C TYR C 21 -12.01 4.91 5.60
N ALA C 22 -11.20 5.52 6.47
CA ALA C 22 -9.75 5.30 6.41
C ALA C 22 -9.42 3.82 6.53
N LEU C 23 -10.15 3.09 7.38
CA LEU C 23 -9.89 1.68 7.57
C LEU C 23 -10.19 0.89 6.30
N THR C 24 -11.33 1.19 5.64
CA THR C 24 -11.62 0.50 4.40
C THR C 24 -10.56 0.78 3.36
N ILE C 25 -9.96 1.98 3.38
CA ILE C 25 -8.92 2.28 2.38
C ILE C 25 -7.60 1.60 2.74
N ASP C 26 -7.17 1.68 4.01
CA ASP C 26 -5.89 1.09 4.52
C ASP C 26 -6.26 0.02 5.54
N ASN C 27 -6.34 -1.24 5.14
CA ASN C 27 -6.90 -2.34 5.99
C ASN C 27 -5.90 -3.42 6.41
N SER C 28 -5.45 -3.48 7.66
CA SER C 28 -4.62 -4.61 8.17
C SER C 28 -5.59 -5.73 8.54
N LEU C 29 -6.09 -6.38 7.53
CA LEU C 29 -7.13 -7.43 7.67
C LEU C 29 -8.16 -7.19 8.77
N VAL C 30 -9.20 -6.46 8.44
CA VAL C 30 -10.44 -6.38 9.25
C VAL C 30 -11.41 -6.97 8.23
N HIS C 31 -11.89 -8.18 8.46
CA HIS C 31 -12.82 -8.89 7.55
C HIS C 31 -14.25 -8.40 7.71
N GLU C 32 -14.65 -8.04 8.92
CA GLU C 32 -16.05 -7.62 9.21
C GLU C 32 -16.04 -6.33 10.01
N LEU C 33 -16.70 -5.31 9.52
CA LEU C 33 -16.88 -4.05 10.23
C LEU C 33 -18.37 -3.85 10.51
N VAL C 34 -18.71 -3.71 11.79
CA VAL C 34 -20.10 -3.52 12.22
C VAL C 34 -20.24 -2.12 12.78
N ILE C 35 -21.29 -1.42 12.38
CA ILE C 35 -21.49 -0.01 12.73
C ILE C 35 -22.77 0.10 13.53
N ILE C 36 -22.66 0.64 14.75
CA ILE C 36 -23.78 0.83 15.66
C ILE C 36 -23.89 2.31 15.98
N ASP C 37 -25.11 2.84 15.93
CA ASP C 37 -25.39 4.20 16.36
C ASP C 37 -26.83 4.25 16.87
N VAL C 38 -27.04 4.97 17.98
CA VAL C 38 -28.39 5.13 18.51
C VAL C 38 -29.32 5.74 17.46
N ASN C 39 -28.76 6.55 16.55
CA ASN C 39 -29.50 7.04 15.39
C ASN C 39 -29.31 6.01 14.27
N GLU C 40 -30.28 5.11 14.13
CA GLU C 40 -30.13 3.99 13.20
C GLU C 40 -30.02 4.45 11.76
N ASN C 41 -30.69 5.55 11.41
CA ASN C 41 -30.66 6.04 10.04
C ASN C 41 -29.25 6.48 9.64
N LYS C 42 -28.56 7.20 10.53
CA LYS C 42 -27.20 7.63 10.24
C LYS C 42 -26.28 6.43 10.01
N ALA C 43 -26.39 5.41 10.86
CA ALA C 43 -25.56 4.22 10.71
C ALA C 43 -25.85 3.51 9.39
N LYS C 44 -27.13 3.34 9.05
CA LYS C 44 -27.50 2.73 7.78
C LYS C 44 -26.90 3.52 6.62
N GLY C 45 -27.06 4.83 6.62
CA GLY C 45 -26.53 5.64 5.54
C GLY C 45 -25.03 5.50 5.40
N GLU C 46 -24.32 5.49 6.53
CA GLU C 46 -22.86 5.34 6.46
C GLU C 46 -22.47 3.98 5.92
N VAL C 47 -23.15 2.92 6.38
CA VAL C 47 -22.88 1.59 5.84
C VAL C 47 -23.01 1.59 4.32
N MET C 48 -24.10 2.20 3.82
CA MET C 48 -24.35 2.19 2.38
C MET C 48 -23.27 2.97 1.63
N ASP C 49 -22.93 4.16 2.11
CA ASP C 49 -21.93 4.97 1.42
C ASP C 49 -20.57 4.26 1.41
N LEU C 50 -20.20 3.63 2.53
CA LEU C 50 -18.94 2.89 2.58
C LEU C 50 -18.95 1.70 1.62
N ASN C 51 -20.08 0.99 1.53
CA ASN C 51 -20.11 -0.19 0.67
C ASN C 51 -20.13 0.18 -0.81
N HIS C 52 -20.69 1.34 -1.16
CA HIS C 52 -20.80 1.72 -2.56
C HIS C 52 -19.45 2.02 -3.21
N GLY C 53 -18.37 2.08 -2.44
CA GLY C 53 -17.06 2.30 -2.99
C GLY C 53 -16.13 1.10 -2.98
N GLN C 54 -16.65 -0.11 -2.71
CA GLN C 54 -15.78 -1.27 -2.59
C GLN C 54 -14.94 -1.49 -3.85
N MET C 55 -15.48 -1.16 -5.02
CA MET C 55 -14.76 -1.38 -6.27
C MET C 55 -13.45 -0.61 -6.33
N PHE C 56 -13.32 0.48 -5.57
CA PHE C 56 -12.12 1.29 -5.59
C PHE C 56 -11.12 0.92 -4.53
N LEU C 57 -11.44 -0.02 -3.64
CA LEU C 57 -10.58 -0.39 -2.54
C LEU C 57 -9.60 -1.48 -2.95
N LYS C 58 -8.47 -1.53 -2.25
CA LYS C 58 -7.50 -2.59 -2.51
C LYS C 58 -8.09 -3.97 -2.19
N LYS C 59 -8.82 -4.07 -1.08
CA LYS C 59 -9.44 -5.33 -0.67
C LYS C 59 -10.91 -5.10 -0.34
N ASN C 60 -11.74 -6.09 -0.66
CA ASN C 60 -13.13 -6.08 -0.23
C ASN C 60 -13.21 -6.28 1.28
N ILE C 61 -14.27 -5.75 1.88
CA ILE C 61 -14.49 -5.87 3.31
C ILE C 61 -15.99 -5.89 3.57
N ASN C 62 -16.40 -6.66 4.58
CA ASN C 62 -17.82 -6.80 4.94
C ASN C 62 -18.19 -5.70 5.92
N VAL C 63 -18.99 -4.73 5.46
CA VAL C 63 -19.46 -3.63 6.29
C VAL C 63 -20.96 -3.81 6.51
N LEU C 64 -21.38 -3.84 7.78
CA LEU C 64 -22.75 -4.16 8.12
C LEU C 64 -23.26 -3.21 9.19
N PHE C 65 -24.56 -2.94 9.14
CA PHE C 65 -25.27 -2.32 10.25
C PHE C 65 -25.56 -3.39 11.29
N GLY C 66 -25.48 -3.00 12.57
CA GLY C 66 -25.66 -3.97 13.63
C GLY C 66 -26.24 -3.40 14.91
N THR C 67 -26.31 -4.24 15.94
CA THR C 67 -26.76 -3.84 17.27
C THR C 67 -25.76 -4.36 18.30
N TYR C 68 -26.00 -4.03 19.56
CA TYR C 68 -25.12 -4.46 20.64
C TYR C 68 -24.93 -5.98 20.64
N LYS C 69 -25.99 -6.71 20.28
CA LYS C 69 -25.90 -8.17 20.19
C LYS C 69 -24.70 -8.63 19.38
N ASP C 70 -24.24 -7.81 18.44
CA ASP C 70 -23.17 -8.21 17.54
C ASP C 70 -21.79 -8.14 18.18
N CYS C 71 -21.67 -7.57 19.38
CA CYS C 71 -20.37 -7.54 20.04
C CYS C 71 -19.97 -8.90 20.61
N ALA C 72 -20.87 -9.88 20.57
CA ALA C 72 -20.63 -11.16 21.22
C ALA C 72 -19.26 -11.74 20.84
N ASN C 73 -18.98 -11.82 19.55
CA ASN C 73 -17.74 -12.40 19.05
C ASN C 73 -16.85 -11.37 18.37
N ALA C 74 -16.94 -10.11 18.79
CA ALA C 74 -16.10 -9.07 18.22
C ALA C 74 -14.70 -9.19 18.80
N ASP C 75 -13.70 -8.89 17.96
CA ASP C 75 -12.32 -8.84 18.41
C ASP C 75 -11.96 -7.47 18.98
N ILE C 76 -12.50 -6.40 18.38
CA ILE C 76 -12.23 -5.04 18.88
C ILE C 76 -13.53 -4.26 18.91
N VAL C 77 -13.68 -3.41 19.92
CA VAL C 77 -14.81 -2.49 20.03
C VAL C 77 -14.26 -1.08 20.14
N VAL C 78 -14.54 -0.25 19.13
CA VAL C 78 -14.13 1.14 19.09
C VAL C 78 -15.33 1.99 19.50
N ILE C 79 -15.13 2.89 20.46
CA ILE C 79 -16.20 3.73 20.98
C ILE C 79 -15.89 5.17 20.64
N THR C 80 -16.74 5.78 19.81
CA THR C 80 -16.63 7.19 19.45
C THR C 80 -17.92 7.94 19.74
N ALA C 81 -18.78 7.39 20.59
CA ALA C 81 -20.08 7.99 20.88
C ALA C 81 -19.95 9.04 21.98
N GLY C 82 -20.83 10.04 21.90
CA GLY C 82 -20.94 11.04 22.95
C GLY C 82 -20.97 12.44 22.39
N LEU C 83 -21.13 13.40 23.29
CA LEU C 83 -21.19 14.81 22.91
C LEU C 83 -19.80 15.32 22.51
N ASN C 84 -19.78 16.22 21.53
CA ASN C 84 -18.57 16.93 21.16
C ASN C 84 -18.63 18.36 21.72
N GLN C 85 -17.49 19.04 21.67
CA GLN C 85 -17.31 20.27 22.43
C GLN C 85 -18.23 21.40 21.97
N LYS C 86 -18.09 21.88 20.72
CA LYS C 86 -18.80 23.03 20.19
C LYS C 86 -18.14 24.31 20.71
N PRO C 87 -18.34 25.45 20.05
CA PRO C 87 -17.59 26.65 20.42
C PRO C 87 -17.82 27.05 21.87
N GLY C 88 -16.73 27.39 22.56
CA GLY C 88 -16.78 27.90 23.90
C GLY C 88 -16.56 26.87 25.00
N GLU C 89 -16.64 25.58 24.67
CA GLU C 89 -16.57 24.54 25.67
C GLU C 89 -15.20 23.87 25.67
N THR C 90 -14.73 23.51 26.86
CA THR C 90 -13.55 22.67 26.99
C THR C 90 -13.98 21.20 26.85
N ARG C 91 -13.00 20.30 26.94
CA ARG C 91 -13.32 18.87 26.90
C ARG C 91 -13.74 18.34 28.27
N LEU C 92 -13.42 19.05 29.35
CA LEU C 92 -13.77 18.61 30.69
C LEU C 92 -15.18 18.99 31.10
N ASP C 93 -15.87 19.83 30.32
CA ASP C 93 -17.27 20.10 30.59
C ASP C 93 -18.14 18.89 30.32
N LEU C 94 -17.71 18.01 29.42
CA LEU C 94 -18.54 16.92 28.91
C LEU C 94 -18.50 15.68 29.79
N VAL C 95 -17.88 15.73 30.96
CA VAL C 95 -17.62 14.51 31.73
C VAL C 95 -18.92 13.83 32.12
N ASP C 96 -19.87 14.59 32.67
CA ASP C 96 -21.07 14.00 33.28
C ASP C 96 -21.88 13.21 32.26
N LYS C 97 -22.37 13.91 31.23
CA LYS C 97 -23.25 13.26 30.25
C LYS C 97 -22.55 12.08 29.59
N ASN C 98 -21.29 12.26 29.20
CA ASN C 98 -20.58 11.20 28.51
C ASN C 98 -20.33 10.00 29.41
N SER C 99 -20.10 10.24 30.70
CA SER C 99 -19.99 9.12 31.64
C SER C 99 -21.28 8.33 31.70
N LYS C 100 -22.42 9.02 31.70
CA LYS C 100 -23.70 8.30 31.68
C LYS C 100 -23.84 7.45 30.42
N ILE C 101 -23.57 8.08 29.27
CA ILE C 101 -23.62 7.36 27.98
C ILE C 101 -22.72 6.12 28.03
N PHE C 102 -21.51 6.29 28.57
CA PHE C 102 -20.55 5.19 28.58
C PHE C 102 -21.00 4.07 29.50
N LYS C 103 -21.60 4.42 30.65
CA LYS C 103 -22.19 3.39 31.49
C LYS C 103 -23.15 2.52 30.69
N ASP C 104 -24.06 3.17 29.97
CA ASP C 104 -25.02 2.40 29.16
C ASP C 104 -24.32 1.50 28.15
N ILE C 105 -23.43 2.10 27.35
CA ILE C 105 -22.79 1.35 26.26
C ILE C 105 -22.01 0.16 26.81
N ILE C 106 -21.18 0.41 27.83
CA ILE C 106 -20.33 -0.64 28.37
C ILE C 106 -21.18 -1.76 28.94
N THR C 107 -22.25 -1.42 29.67
CA THR C 107 -23.11 -2.46 30.21
C THR C 107 -23.64 -3.35 29.09
N ASN C 108 -24.14 -2.75 28.02
CA ASN C 108 -24.70 -3.55 26.93
C ASN C 108 -23.62 -4.43 26.29
N VAL C 109 -22.46 -3.84 25.98
CA VAL C 109 -21.41 -4.60 25.32
C VAL C 109 -21.00 -5.79 26.17
N VAL C 110 -20.75 -5.55 27.47
CA VAL C 110 -20.31 -6.63 28.33
C VAL C 110 -21.38 -7.70 28.45
N SER C 111 -22.65 -7.30 28.56
CA SER C 111 -23.73 -8.27 28.62
C SER C 111 -23.78 -9.13 27.36
N SER C 112 -23.30 -8.60 26.24
CA SER C 112 -23.34 -9.38 25.00
C SER C 112 -22.39 -10.56 24.99
N GLY C 113 -21.45 -10.64 25.93
CA GLY C 113 -20.45 -11.69 25.94
C GLY C 113 -19.10 -11.32 25.35
N PHE C 114 -18.92 -10.08 24.95
CA PHE C 114 -17.66 -9.61 24.38
C PHE C 114 -16.53 -9.75 25.39
N ASP C 115 -15.36 -10.18 24.89
CA ASP C 115 -14.18 -10.30 25.73
C ASP C 115 -12.91 -9.89 24.99
N GLY C 116 -13.03 -8.94 24.06
CA GLY C 116 -11.90 -8.43 23.31
C GLY C 116 -11.34 -7.16 23.89
N ILE C 117 -10.95 -6.24 23.02
CA ILE C 117 -10.22 -5.05 23.39
C ILE C 117 -11.07 -3.82 23.10
N PHE C 118 -11.15 -2.92 24.08
CA PHE C 118 -11.80 -1.62 23.90
C PHE C 118 -10.79 -0.60 23.38
N VAL C 119 -11.22 0.21 22.42
CA VAL C 119 -10.44 1.35 21.95
C VAL C 119 -11.34 2.58 22.06
N VAL C 120 -10.94 3.54 22.90
CA VAL C 120 -11.83 4.62 23.32
C VAL C 120 -11.29 5.93 22.76
N ALA C 121 -12.19 6.71 22.14
CA ALA C 121 -11.85 8.00 21.57
C ALA C 121 -12.70 9.15 22.10
N SER C 122 -13.88 8.87 22.64
CA SER C 122 -14.77 9.94 23.09
C SER C 122 -14.11 10.79 24.16
N ASN C 123 -14.52 12.08 24.22
CA ASN C 123 -13.86 13.04 25.09
C ASN C 123 -14.64 13.23 26.38
N PRO C 124 -13.95 13.55 27.50
CA PRO C 124 -12.48 13.64 27.67
C PRO C 124 -11.89 12.23 27.71
N VAL C 125 -10.98 11.93 26.78
CA VAL C 125 -10.66 10.55 26.45
C VAL C 125 -9.99 9.82 27.62
N ASP C 126 -9.16 10.51 28.40
CA ASP C 126 -8.51 9.85 29.52
C ASP C 126 -9.54 9.39 30.56
N ILE C 127 -10.47 10.28 30.90
CA ILE C 127 -11.49 9.93 31.90
C ILE C 127 -12.43 8.87 31.34
N MET C 128 -12.78 8.95 30.06
CA MET C 128 -13.66 7.94 29.47
C MET C 128 -12.97 6.58 29.39
N THR C 129 -11.64 6.56 29.17
CA THR C 129 -10.91 5.30 29.22
C THR C 129 -10.96 4.70 30.63
N TYR C 130 -10.68 5.53 31.64
CA TYR C 130 -10.80 5.08 33.02
C TYR C 130 -12.19 4.51 33.31
N VAL C 131 -13.23 5.21 32.84
CA VAL C 131 -14.60 4.77 33.09
C VAL C 131 -14.88 3.45 32.38
N THR C 132 -14.39 3.30 31.16
CA THR C 132 -14.51 2.01 30.46
C THR C 132 -13.90 0.90 31.30
N MET C 133 -12.69 1.12 31.80
CA MET C 133 -12.04 0.11 32.64
C MET C 133 -12.90 -0.23 33.85
N LYS C 134 -13.41 0.79 34.54
CA LYS C 134 -14.13 0.55 35.79
C LYS C 134 -15.45 -0.17 35.54
N TYR C 135 -16.25 0.32 34.59
CA TYR C 135 -17.55 -0.29 34.35
C TYR C 135 -17.44 -1.69 33.76
N SER C 136 -16.44 -1.91 32.90
CA SER C 136 -16.33 -3.20 32.23
C SER C 136 -15.72 -4.28 33.14
N LYS C 137 -14.87 -3.87 34.09
CA LYS C 137 -14.14 -4.81 34.94
C LYS C 137 -13.16 -5.67 34.14
N PHE C 138 -12.77 -5.19 32.96
CA PHE C 138 -11.80 -5.88 32.13
C PHE C 138 -10.39 -5.70 32.72
N PRO C 139 -9.47 -6.61 32.39
CA PRO C 139 -8.05 -6.35 32.66
C PRO C 139 -7.64 -4.99 32.11
N ILE C 140 -6.71 -4.33 32.81
CA ILE C 140 -6.30 -2.98 32.38
C ILE C 140 -5.73 -3.00 30.97
N HIS C 141 -5.02 -4.08 30.60
CA HIS C 141 -4.37 -4.15 29.31
C HIS C 141 -5.36 -4.36 28.16
N LYS C 142 -6.63 -4.57 28.48
CA LYS C 142 -7.70 -4.72 27.49
C LYS C 142 -8.34 -3.41 27.10
N VAL C 143 -7.92 -2.30 27.72
CA VAL C 143 -8.57 -1.00 27.54
C VAL C 143 -7.54 0.00 27.03
N ILE C 144 -7.80 0.54 25.85
CA ILE C 144 -6.91 1.48 25.18
C ILE C 144 -7.69 2.76 24.92
N GLY C 145 -7.08 3.90 25.22
CA GLY C 145 -7.61 5.19 24.83
C GLY C 145 -6.63 5.90 23.93
N THR C 146 -7.15 6.80 23.09
CA THR C 146 -6.29 7.47 22.12
C THR C 146 -5.34 8.47 22.77
N GLY C 147 -5.63 8.92 23.98
CA GLY C 147 -4.68 9.72 24.73
C GLY C 147 -4.20 10.94 23.95
N THR C 148 -2.88 11.12 23.91
CA THR C 148 -2.27 12.26 23.25
C THR C 148 -1.73 11.93 21.86
N ILE C 149 -2.26 10.91 21.20
CA ILE C 149 -1.78 10.59 19.86
C ILE C 149 -2.11 11.70 18.88
N LEU C 150 -3.29 12.32 19.02
CA LEU C 150 -3.66 13.42 18.15
C LEU C 150 -2.80 14.65 18.43
N ASP C 151 -2.61 14.99 19.71
CA ASP C 151 -1.76 16.11 20.06
C ASP C 151 -0.34 15.91 19.56
N THR C 152 0.18 14.69 19.69
CA THR C 152 1.53 14.40 19.20
C THR C 152 1.60 14.54 17.68
N SER C 153 0.56 14.08 16.97
CA SER C 153 0.53 14.24 15.52
C SER C 153 0.56 15.71 15.12
N ARG C 154 -0.21 16.54 15.82
CA ARG C 154 -0.18 17.98 15.53
C ARG C 154 1.20 18.57 15.79
N LEU C 155 1.79 18.21 16.94
CA LEU C 155 3.12 18.70 17.27
C LEU C 155 4.13 18.34 16.19
N ARG C 156 4.10 17.08 15.73
CA ARG C 156 5.07 16.62 14.75
C ARG C 156 4.84 17.27 13.40
N TYR C 157 3.58 17.56 13.04
CA TYR C 157 3.34 18.31 11.82
C TYR C 157 3.94 19.71 11.91
N PHE C 158 3.72 20.39 13.06
CA PHE C 158 4.24 21.75 13.21
C PHE C 158 5.77 21.77 13.13
N LEU C 159 6.43 20.82 13.81
CA LEU C 159 7.90 20.79 13.75
C LEU C 159 8.39 20.40 12.37
N SER C 160 7.69 19.48 11.69
CA SER C 160 8.05 19.11 10.33
C SER C 160 8.00 20.31 9.40
N ASP C 161 6.95 21.13 9.52
CA ASP C 161 6.85 22.32 8.68
C ASP C 161 7.91 23.34 9.04
N HIS C 162 8.24 23.47 10.33
CA HIS C 162 9.27 24.44 10.71
C HIS C 162 10.63 24.05 10.14
N PHE C 163 11.07 22.81 10.37
CA PHE C 163 12.38 22.39 9.90
C PHE C 163 12.39 21.85 8.49
N ASN C 164 11.22 21.71 7.85
CA ASN C 164 11.11 21.13 6.51
C ASN C 164 11.76 19.75 6.47
N VAL C 165 11.35 18.90 7.42
CA VAL C 165 11.83 17.53 7.54
C VAL C 165 10.61 16.63 7.69
N ASN C 166 10.69 15.42 7.12
CA ASN C 166 9.58 14.47 7.19
C ASN C 166 9.16 14.22 8.63
N THR C 167 7.85 14.10 8.84
CA THR C 167 7.33 13.80 10.18
C THR C 167 7.95 12.54 10.76
N GLN C 168 8.39 11.63 9.88
CA GLN C 168 8.99 10.37 10.35
C GLN C 168 10.18 10.62 11.26
N ASN C 169 10.91 11.70 11.03
CA ASN C 169 12.15 11.97 11.74
C ASN C 169 11.97 12.92 12.91
N ILE C 170 10.73 13.26 13.27
CA ILE C 170 10.45 14.19 14.35
C ILE C 170 10.10 13.37 15.59
N HIS C 171 11.00 13.36 16.57
CA HIS C 171 10.87 12.51 17.76
C HIS C 171 10.57 13.41 18.95
N SER C 172 9.28 13.60 19.20
CA SER C 172 8.77 14.45 20.26
C SER C 172 7.39 13.95 20.63
N TYR C 173 7.02 14.15 21.89
CA TYR C 173 5.72 13.73 22.38
C TYR C 173 4.98 14.92 22.97
N ILE C 174 3.65 14.88 22.90
CA ILE C 174 2.78 15.56 23.85
C ILE C 174 2.36 14.51 24.87
N MET C 175 2.43 14.85 26.16
CA MET C 175 2.07 13.91 27.25
C MET C 175 1.12 14.61 28.22
N GLY C 176 0.54 13.87 29.15
CA GLY C 176 -0.46 14.39 30.08
C GLY C 176 -1.85 14.30 29.49
N GLU C 177 -2.80 15.03 30.07
CA GLU C 177 -4.21 15.04 29.62
C GLU C 177 -4.33 15.53 28.18
N HIS C 178 -5.10 14.83 27.35
CA HIS C 178 -5.45 15.31 25.99
C HIS C 178 -6.32 16.54 26.21
N GLY C 179 -5.69 17.71 26.29
CA GLY C 179 -6.41 18.96 26.55
C GLY C 179 -5.52 20.11 26.91
N ASP C 180 -6.01 21.04 27.69
CA ASP C 180 -5.31 22.30 28.03
C ASP C 180 -4.13 22.12 28.97
N SER C 181 -4.00 21.01 29.69
CA SER C 181 -2.93 20.77 30.70
C SER C 181 -1.77 19.97 30.09
N SER C 182 -1.83 19.62 28.80
CA SER C 182 -0.77 18.83 28.21
C SER C 182 0.54 19.62 28.14
N PHE C 183 1.62 18.91 27.78
CA PHE C 183 2.92 19.55 27.61
C PHE C 183 3.73 18.76 26.60
N ALA C 184 4.74 19.41 26.04
CA ALA C 184 5.64 18.80 25.07
C ALA C 184 6.98 18.45 25.71
N THR C 185 7.57 17.35 25.24
CA THR C 185 8.85 16.86 25.75
C THR C 185 10.01 17.56 25.04
N TRP C 186 10.08 18.88 25.24
CA TRP C 186 11.06 19.68 24.52
C TRP C 186 12.49 19.24 24.84
N ASP C 187 12.78 18.99 26.12
CA ASP C 187 14.15 18.67 26.53
C ASP C 187 14.61 17.33 26.02
N GLU C 188 13.70 16.46 25.60
CA GLU C 188 14.02 15.14 25.08
C GLU C 188 13.79 15.02 23.58
N THR C 189 13.60 16.13 22.89
CA THR C 189 13.21 16.13 21.49
C THR C 189 14.44 16.03 20.58
N LYS C 190 14.31 15.26 19.51
CA LYS C 190 15.36 15.11 18.52
C LYS C 190 14.77 15.19 17.13
N ILE C 191 15.51 15.79 16.21
CA ILE C 191 15.26 15.69 14.78
C ILE C 191 16.24 14.66 14.23
N ALA C 192 15.75 13.47 13.91
CA ALA C 192 16.62 12.31 13.66
C ALA C 192 17.48 12.15 14.90
N MET C 193 18.80 12.17 14.80
CA MET C 193 19.68 12.06 15.97
C MET C 193 20.12 13.41 16.53
N LYS C 194 19.63 14.52 15.97
CA LYS C 194 20.10 15.84 16.35
C LYS C 194 19.22 16.41 17.45
N PRO C 195 19.75 16.65 18.65
CA PRO C 195 18.91 17.22 19.72
C PRO C 195 18.42 18.62 19.36
N LEU C 196 17.21 18.93 19.83
CA LEU C 196 16.64 20.26 19.64
C LEU C 196 17.55 21.34 20.21
N SER C 197 18.25 21.04 21.31
CA SER C 197 19.13 22.04 21.92
C SER C 197 20.16 22.56 20.93
N GLU C 198 20.62 21.71 20.01
CA GLU C 198 21.59 22.16 19.01
C GLU C 198 20.96 23.13 18.02
N TYR C 199 19.71 22.86 17.62
CA TYR C 199 19.01 23.80 16.75
C TYR C 199 18.81 25.14 17.45
N LEU C 200 18.49 25.11 18.74
CA LEU C 200 18.36 26.35 19.50
C LEU C 200 19.69 27.11 19.52
N ALA C 201 20.78 26.40 19.86
CA ALA C 201 22.09 27.04 19.90
C ALA C 201 22.46 27.65 18.56
N GLU C 202 22.12 26.96 17.46
CA GLU C 202 22.44 27.46 16.13
C GLU C 202 21.44 28.50 15.63
N GLY C 203 20.48 28.90 16.45
CA GLY C 203 19.53 29.91 16.04
C GLY C 203 18.56 29.49 14.96
N LYS C 204 18.32 28.19 14.80
CA LYS C 204 17.35 27.72 13.82
C LYS C 204 15.95 27.58 14.40
N ILE C 205 15.81 27.70 15.72
CA ILE C 205 14.52 27.74 16.40
C ILE C 205 14.76 28.52 17.69
N THR C 206 13.71 29.12 18.24
CA THR C 206 13.83 29.93 19.45
C THR C 206 12.88 29.42 20.52
N GLU C 207 13.20 29.76 21.78
CA GLU C 207 12.35 29.35 22.89
C GLU C 207 10.93 29.85 22.72
N LEU C 208 10.77 31.10 22.28
CA LEU C 208 9.43 31.63 22.03
C LEU C 208 8.71 30.83 20.95
N GLU C 209 9.44 30.33 19.95
CA GLU C 209 8.81 29.52 18.91
C GLU C 209 8.33 28.18 19.46
N LEU C 210 9.06 27.59 20.42
CA LEU C 210 8.57 26.37 21.07
C LEU C 210 7.31 26.66 21.89
N ASP C 211 7.33 27.75 22.65
CA ASP C 211 6.12 28.17 23.36
C ASP C 211 4.94 28.29 22.41
N GLU C 212 5.15 28.98 21.28
CA GLU C 212 4.08 29.18 20.32
C GLU C 212 3.58 27.85 19.75
N ILE C 213 4.49 26.94 19.43
CA ILE C 213 4.08 25.67 18.84
C ILE C 213 3.21 24.90 19.83
N HIS C 214 3.59 24.90 21.11
CA HIS C 214 2.76 24.18 22.07
C HIS C 214 1.39 24.85 22.21
N LYS C 215 1.35 26.19 22.20
CA LYS C 215 0.07 26.88 22.28
C LYS C 215 -0.80 26.53 21.08
N LYS C 216 -0.19 26.44 19.90
CA LYS C 216 -0.93 26.03 18.71
C LYS C 216 -1.49 24.62 18.88
N VAL C 217 -0.69 23.70 19.44
CA VAL C 217 -1.19 22.36 19.69
C VAL C 217 -2.41 22.41 20.60
N VAL C 218 -2.33 23.21 21.66
CA VAL C 218 -3.41 23.26 22.64
C VAL C 218 -4.68 23.86 22.03
N ASN C 219 -4.53 24.85 21.15
CA ASN C 219 -5.69 25.57 20.61
C ASN C 219 -6.16 25.03 19.26
N ALA C 220 -5.51 24.00 18.73
CA ALA C 220 -5.86 23.48 17.42
C ALA C 220 -7.33 23.08 17.35
N ALA C 221 -7.81 22.32 18.35
CA ALA C 221 -9.18 21.83 18.28
C ALA C 221 -10.17 22.97 18.26
N TYR C 222 -9.97 23.98 19.12
CA TYR C 222 -10.86 25.13 19.13
C TYR C 222 -10.86 25.83 17.77
N GLU C 223 -9.67 26.04 17.20
CA GLU C 223 -9.61 26.73 15.90
C GLU C 223 -10.35 25.95 14.82
N VAL C 224 -10.09 24.64 14.74
CA VAL C 224 -10.68 23.84 13.67
C VAL C 224 -12.20 23.75 13.85
N ILE C 225 -12.66 23.62 15.10
CA ILE C 225 -14.10 23.60 15.36
C ILE C 225 -14.72 24.92 14.90
N LYS C 226 -14.07 26.04 15.22
CA LYS C 226 -14.57 27.33 14.75
C LYS C 226 -14.66 27.37 13.23
N LEU C 227 -13.67 26.77 12.56
CA LEU C 227 -13.59 26.93 11.10
C LEU C 227 -14.50 25.98 10.34
N LYS C 228 -14.71 24.76 10.83
CA LYS C 228 -15.52 23.79 10.11
C LYS C 228 -16.47 22.99 10.98
N GLY C 229 -16.66 23.33 12.23
CA GLY C 229 -17.65 22.68 13.12
C GLY C 229 -17.09 21.58 14.00
N ALA C 230 -16.13 20.79 13.53
CA ALA C 230 -15.58 19.65 14.30
C ALA C 230 -14.31 19.10 13.66
N THR C 231 -13.47 18.43 14.44
CA THR C 231 -12.25 17.74 13.92
C THR C 231 -12.62 16.27 13.74
N TYR C 232 -12.14 15.58 12.72
CA TYR C 232 -12.39 14.12 12.53
C TYR C 232 -11.37 13.39 11.63
N TYR C 233 -10.64 14.06 10.75
CA TYR C 233 -9.69 13.41 9.83
C TYR C 233 -8.46 12.91 10.61
N ALA C 234 -7.74 13.76 11.32
CA ALA C 234 -6.52 13.35 12.03
C ALA C 234 -6.84 12.25 13.05
N ILE C 235 -7.91 12.40 13.82
CA ILE C 235 -8.29 11.44 14.89
C ILE C 235 -8.68 10.11 14.23
N GLY C 236 -9.35 10.14 13.08
CA GLY C 236 -9.72 8.92 12.38
C GLY C 236 -8.49 8.13 11.94
N LEU C 237 -7.47 8.83 11.43
CA LEU C 237 -6.24 8.13 11.08
C LEU C 237 -5.56 7.54 12.30
N GLY C 238 -5.56 8.28 13.42
CA GLY C 238 -4.96 7.74 14.63
C GLY C 238 -5.62 6.45 15.08
N ILE C 239 -6.95 6.42 15.08
CA ILE C 239 -7.66 5.21 15.48
C ILE C 239 -7.36 4.08 14.52
N LYS C 240 -7.39 4.36 13.22
CA LYS C 240 -7.06 3.34 12.23
C LYS C 240 -5.69 2.73 12.51
N ASN C 241 -4.70 3.56 12.83
CA ASN C 241 -3.36 3.04 13.06
C ASN C 241 -3.30 2.18 14.31
N ILE C 242 -4.02 2.59 15.37
CA ILE C 242 -4.06 1.74 16.57
C ILE C 242 -4.66 0.38 16.22
N VAL C 243 -5.76 0.38 15.48
CA VAL C 243 -6.46 -0.87 15.16
C VAL C 243 -5.54 -1.78 14.34
N ASN C 244 -4.91 -1.23 13.30
CA ASN C 244 -4.02 -2.02 12.46
C ASN C 244 -2.81 -2.52 13.23
N ALA C 245 -2.32 -1.74 14.19
CA ALA C 245 -1.18 -2.20 14.99
C ALA C 245 -1.57 -3.34 15.91
N ILE C 246 -2.78 -3.28 16.48
CA ILE C 246 -3.26 -4.39 17.30
C ILE C 246 -3.38 -5.65 16.46
N ILE C 247 -4.17 -5.58 15.37
CA ILE C 247 -4.41 -6.78 14.58
C ILE C 247 -3.11 -7.29 13.96
N GLY C 248 -2.19 -6.39 13.66
CA GLY C 248 -0.91 -6.78 13.11
C GLY C 248 0.12 -7.24 14.10
N ASP C 249 -0.19 -7.21 15.39
CA ASP C 249 0.74 -7.63 16.44
C ASP C 249 2.10 -6.96 16.25
N GLN C 250 2.07 -5.65 16.05
CA GLN C 250 3.24 -4.92 15.58
C GLN C 250 4.17 -4.46 16.71
N ASN C 251 3.73 -4.52 17.96
CA ASN C 251 4.56 -4.15 19.11
C ASN C 251 5.13 -2.74 18.94
N VAL C 252 4.26 -1.79 18.68
CA VAL C 252 4.69 -0.42 18.40
C VAL C 252 4.44 0.43 19.63
N ILE C 253 5.31 1.41 19.85
CA ILE C 253 5.20 2.30 21.01
C ILE C 253 4.44 3.55 20.59
N LEU C 254 3.31 3.80 21.24
CA LEU C 254 2.46 4.93 20.91
C LEU C 254 2.12 5.72 22.17
N PRO C 255 2.02 7.05 22.07
CA PRO C 255 1.56 7.84 23.24
C PRO C 255 0.05 7.79 23.39
N ILE C 256 -0.44 6.78 24.10
CA ILE C 256 -1.89 6.60 24.22
C ILE C 256 -2.30 6.88 25.65
N SER C 257 -3.60 6.77 25.93
CA SER C 257 -4.07 6.77 27.32
C SER C 257 -3.60 5.50 27.99
N SER C 258 -2.62 5.63 28.88
CA SER C 258 -2.02 4.50 29.57
C SER C 258 -2.32 4.58 31.06
N TYR C 259 -2.46 3.40 31.67
CA TYR C 259 -2.71 3.28 33.10
C TYR C 259 -1.38 3.38 33.85
N ILE C 260 -1.26 4.39 34.72
CA ILE C 260 -0.03 4.62 35.48
C ILE C 260 -0.26 4.19 36.92
N ASN C 261 0.72 3.51 37.49
CA ASN C 261 0.67 3.07 38.89
C ASN C 261 2.08 2.91 39.42
N GLY C 262 2.85 3.99 39.36
CA GLY C 262 4.22 3.97 39.82
C GLY C 262 5.17 4.76 38.92
N GLN C 263 4.80 4.91 37.64
CA GLN C 263 5.68 5.54 36.68
C GLN C 263 5.74 7.05 36.91
N TYR C 264 6.84 7.66 36.43
CA TYR C 264 7.03 9.10 36.43
C TYR C 264 6.95 9.66 37.86
N GLY C 265 7.63 8.99 38.77
CA GLY C 265 7.47 9.24 40.18
C GLY C 265 6.21 8.60 40.71
N GLY C 266 6.17 8.43 42.03
CA GLY C 266 5.00 7.79 42.60
C GLY C 266 3.81 8.69 42.83
N LEU C 267 3.81 9.89 42.24
CA LEU C 267 3.00 10.98 42.77
C LEU C 267 1.51 10.70 42.62
N ILE C 268 1.04 10.56 41.39
CA ILE C 268 -0.36 10.23 41.11
C ILE C 268 -0.41 8.85 40.50
N LYS C 269 -1.26 7.99 41.05
CA LYS C 269 -1.33 6.59 40.65
C LYS C 269 -2.78 6.21 40.39
N ASP C 270 -2.95 5.20 39.53
CA ASP C 270 -4.26 4.61 39.23
C ASP C 270 -5.14 5.57 38.44
N ILE C 271 -4.59 6.10 37.34
CA ILE C 271 -5.37 6.85 36.36
C ILE C 271 -4.83 6.54 34.97
N TYR C 272 -5.60 6.93 33.97
CA TYR C 272 -5.17 6.88 32.57
C TYR C 272 -4.71 8.28 32.17
N ILE C 273 -3.56 8.35 31.49
CA ILE C 273 -3.01 9.64 31.07
C ILE C 273 -2.19 9.41 29.80
N GLY C 274 -1.99 10.48 29.05
CA GLY C 274 -1.22 10.39 27.82
C GLY C 274 0.23 10.04 28.06
N ALA C 275 0.64 8.83 27.68
CA ALA C 275 1.99 8.35 27.92
C ALA C 275 2.29 7.22 26.95
N PRO C 276 3.56 6.95 26.66
CA PRO C 276 3.90 5.91 25.69
C PRO C 276 3.72 4.50 26.24
N ALA C 277 3.21 3.61 25.40
CA ALA C 277 3.04 2.20 25.75
C ALA C 277 3.19 1.35 24.49
N ILE C 278 3.50 0.07 24.71
CA ILE C 278 3.68 -0.90 23.64
C ILE C 278 2.33 -1.53 23.33
N VAL C 279 1.91 -1.46 22.07
CA VAL C 279 0.64 -2.00 21.61
C VAL C 279 0.93 -3.23 20.75
N CYS C 280 0.14 -4.29 20.99
CA CYS C 280 0.33 -5.58 20.37
C CYS C 280 -1.02 -6.29 20.27
N LYS C 281 -0.98 -7.56 19.88
CA LYS C 281 -2.20 -8.32 19.59
C LYS C 281 -3.09 -8.47 20.82
N GLU C 282 -2.50 -8.48 22.01
CA GLU C 282 -3.24 -8.66 23.24
C GLU C 282 -3.74 -7.35 23.85
N GLY C 283 -3.38 -6.21 23.25
CA GLY C 283 -3.69 -4.93 23.84
C GLY C 283 -2.43 -4.20 24.26
N VAL C 284 -2.38 -3.73 25.50
CA VAL C 284 -1.23 -3.00 26.02
C VAL C 284 -0.25 -4.00 26.64
N LYS C 285 0.93 -4.12 26.03
CA LYS C 285 1.93 -5.05 26.53
C LYS C 285 2.72 -4.46 27.69
N GLU C 286 2.94 -3.15 27.70
CA GLU C 286 3.75 -2.51 28.73
C GLU C 286 3.65 -0.99 28.65
N VAL C 287 3.43 -0.35 29.78
CA VAL C 287 3.46 1.11 29.88
C VAL C 287 4.87 1.53 30.27
N LEU C 288 5.49 2.36 29.43
CA LEU C 288 6.90 2.67 29.62
C LEU C 288 7.12 3.68 30.73
N ASN C 289 8.36 3.76 31.19
CA ASN C 289 8.79 4.73 32.19
C ASN C 289 10.15 5.27 31.76
N PHE C 290 10.24 6.58 31.57
CA PHE C 290 11.50 7.20 31.17
C PHE C 290 11.61 8.57 31.83
N LYS C 291 12.84 9.03 32.00
CA LYS C 291 13.09 10.27 32.73
C LYS C 291 12.78 11.48 31.85
N ILE C 292 12.04 12.43 32.41
CA ILE C 292 11.77 13.71 31.77
C ILE C 292 12.29 14.81 32.69
N SER C 293 12.52 15.98 32.11
CA SER C 293 13.14 17.06 32.86
C SER C 293 12.29 17.43 34.08
N PRO C 294 12.92 17.95 35.14
CA PRO C 294 12.14 18.27 36.36
C PRO C 294 10.96 19.19 36.11
N LYS C 295 11.12 20.24 35.29
CA LYS C 295 10.00 21.13 35.01
C LYS C 295 8.89 20.39 34.26
N GLU C 296 9.27 19.52 33.30
CA GLU C 296 8.27 18.73 32.60
C GLU C 296 7.62 17.71 33.53
N LEU C 297 8.37 17.18 34.50
CA LEU C 297 7.75 16.28 35.47
C LEU C 297 6.74 17.02 36.33
N ASP C 298 7.05 18.27 36.69
CA ASP C 298 6.09 19.09 37.41
C ASP C 298 4.81 19.29 36.59
N LYS C 299 4.98 19.61 35.29
CA LYS C 299 3.81 19.77 34.43
C LYS C 299 2.99 18.48 34.38
N PHE C 300 3.68 17.34 34.23
CA PHE C 300 3.00 16.05 34.17
C PHE C 300 2.21 15.79 35.43
N ASN C 301 2.81 16.06 36.60
CA ASN C 301 2.14 15.79 37.86
C ASN C 301 0.97 16.74 38.08
N SER C 302 1.05 17.98 37.61
CA SER C 302 -0.09 18.87 37.72
C SER C 302 -1.25 18.41 36.83
N SER C 303 -0.94 18.01 35.60
CA SER C 303 -1.98 17.47 34.71
C SER C 303 -2.65 16.24 35.32
N ALA C 304 -1.82 15.32 35.84
CA ALA C 304 -2.36 14.10 36.45
C ALA C 304 -3.19 14.44 37.69
N ASN C 305 -2.77 15.44 38.45
CA ASN C 305 -3.53 15.83 39.62
C ASN C 305 -4.90 16.37 39.25
N GLN C 306 -4.97 17.15 38.16
CA GLN C 306 -6.27 17.64 37.69
C GLN C 306 -7.18 16.48 37.28
N LEU C 307 -6.64 15.53 36.51
CA LEU C 307 -7.45 14.38 36.13
C LEU C 307 -7.94 13.60 37.36
N LYS C 308 -7.06 13.39 38.33
CA LYS C 308 -7.47 12.71 39.56
C LYS C 308 -8.57 13.50 40.27
N SER C 309 -8.45 14.82 40.30
CA SER C 309 -9.47 15.64 40.95
C SER C 309 -10.82 15.41 40.31
N TYR C 310 -10.85 15.25 38.98
CA TYR C 310 -12.13 14.96 38.33
C TYR C 310 -12.62 13.56 38.66
N ILE C 311 -11.72 12.57 38.64
CA ILE C 311 -12.15 11.20 38.87
C ILE C 311 -12.69 11.02 40.29
N ASP C 312 -12.14 11.76 41.26
CA ASP C 312 -12.55 11.58 42.65
C ASP C 312 -13.94 12.19 42.90
N LYS C 313 -14.27 13.27 42.22
CA LYS C 313 -15.61 13.86 42.34
C LYS C 313 -16.71 12.88 41.97
N MET C 314 -16.37 11.75 41.35
CA MET C 314 -17.35 10.74 40.98
C MET C 314 -16.96 9.39 41.56
N MET D 1 14.31 17.15 -15.41
CA MET D 1 14.42 17.19 -13.93
C MET D 1 13.10 16.80 -13.28
N LEU D 2 13.17 16.31 -12.04
CA LEU D 2 11.98 15.87 -11.34
C LEU D 2 11.09 17.05 -10.97
N LYS D 3 9.78 16.82 -10.98
CA LYS D 3 8.80 17.88 -10.77
C LYS D 3 7.90 17.55 -9.58
N SER D 4 7.18 18.57 -9.15
CA SER D 4 6.18 18.45 -8.08
C SER D 4 4.79 18.47 -8.73
N ASN D 5 4.06 17.35 -8.60
CA ASN D 5 2.75 17.23 -9.20
C ASN D 5 1.71 17.95 -8.36
N LYS D 6 0.98 18.87 -8.98
CA LYS D 6 0.07 19.78 -8.29
C LYS D 6 -1.38 19.53 -8.68
N VAL D 7 -2.21 19.35 -7.66
CA VAL D 7 -3.65 19.16 -7.81
C VAL D 7 -4.33 20.28 -7.03
N VAL D 8 -5.17 21.05 -7.72
CA VAL D 8 -5.97 22.10 -7.10
C VAL D 8 -7.40 21.57 -6.95
N LEU D 9 -7.97 21.72 -5.77
CA LEU D 9 -9.33 21.27 -5.49
C LEU D 9 -10.21 22.49 -5.22
N ILE D 10 -11.25 22.64 -6.03
CA ILE D 10 -12.18 23.76 -5.91
C ILE D 10 -13.50 23.20 -5.40
N GLY D 11 -13.86 23.58 -4.18
CA GLY D 11 -15.03 23.04 -3.52
C GLY D 11 -14.65 22.08 -2.40
N ALA D 12 -14.63 22.59 -1.17
CA ALA D 12 -14.15 21.81 -0.03
C ALA D 12 -15.29 21.37 0.88
N GLY D 13 -16.36 20.85 0.30
CA GLY D 13 -17.47 20.29 1.04
C GLY D 13 -17.24 18.83 1.37
N GLY D 14 -18.33 18.07 1.44
CA GLY D 14 -18.22 16.65 1.75
C GLY D 14 -17.48 15.89 0.67
N VAL D 15 -17.82 16.14 -0.60
CA VAL D 15 -17.21 15.38 -1.68
C VAL D 15 -15.74 15.75 -1.81
N GLY D 16 -15.44 17.06 -1.87
CA GLY D 16 -14.06 17.48 -2.00
C GLY D 16 -13.19 17.04 -0.85
N SER D 17 -13.69 17.17 0.37
CA SER D 17 -12.89 16.81 1.54
C SER D 17 -12.70 15.30 1.63
N SER D 18 -13.72 14.53 1.28
CA SER D 18 -13.56 13.08 1.23
C SER D 18 -12.49 12.68 0.23
N PHE D 19 -12.52 13.29 -0.96
CA PHE D 19 -11.52 13.00 -1.97
C PHE D 19 -10.12 13.37 -1.47
N ALA D 20 -9.98 14.54 -0.84
CA ALA D 20 -8.68 14.97 -0.33
C ALA D 20 -8.16 14.02 0.72
N TYR D 21 -9.01 13.62 1.67
CA TYR D 21 -8.64 12.63 2.69
C TYR D 21 -8.14 11.34 2.07
N ALA D 22 -8.96 10.75 1.18
CA ALA D 22 -8.59 9.47 0.56
C ALA D 22 -7.29 9.61 -0.22
N LEU D 23 -7.09 10.76 -0.86
CA LEU D 23 -5.85 10.96 -1.61
C LEU D 23 -4.65 11.03 -0.68
N THR D 24 -4.78 11.69 0.46
CA THR D 24 -3.65 11.74 1.38
C THR D 24 -3.31 10.36 1.90
N ILE D 25 -4.32 9.50 2.06
CA ILE D 25 -4.04 8.14 2.55
C ILE D 25 -3.40 7.28 1.46
N ASP D 26 -3.94 7.32 0.24
CA ASP D 26 -3.47 6.47 -0.86
C ASP D 26 -3.03 7.36 -2.01
N ASN D 27 -1.73 7.65 -2.07
CA ASN D 27 -1.19 8.75 -2.86
C ASN D 27 -0.22 8.23 -3.92
N SER D 28 -0.61 8.36 -5.19
CA SER D 28 0.28 8.07 -6.30
C SER D 28 1.00 9.37 -6.71
N LEU D 29 1.91 9.78 -5.84
CA LEU D 29 2.75 10.97 -6.06
C LEU D 29 1.92 12.19 -6.49
N VAL D 30 1.13 12.66 -5.55
CA VAL D 30 0.70 14.05 -5.53
C VAL D 30 1.56 14.75 -4.49
N HIS D 31 2.38 15.71 -4.94
CA HIS D 31 3.27 16.40 -4.04
C HIS D 31 2.56 17.57 -3.35
N GLU D 32 1.69 18.28 -4.06
CA GLU D 32 1.01 19.46 -3.54
C GLU D 32 -0.49 19.35 -3.82
N LEU D 33 -1.30 19.48 -2.77
CA LEU D 33 -2.75 19.54 -2.89
C LEU D 33 -3.20 20.91 -2.39
N VAL D 34 -3.84 21.67 -3.27
CA VAL D 34 -4.29 23.03 -2.96
C VAL D 34 -5.82 23.05 -2.92
N ILE D 35 -6.37 23.61 -1.84
CA ILE D 35 -7.81 23.58 -1.59
C ILE D 35 -8.36 25.00 -1.62
N ILE D 36 -9.41 25.19 -2.42
CA ILE D 36 -10.05 26.49 -2.64
C ILE D 36 -11.54 26.35 -2.34
N ASP D 37 -12.10 27.37 -1.69
CA ASP D 37 -13.54 27.42 -1.45
C ASP D 37 -13.95 28.87 -1.25
N VAL D 38 -15.14 29.23 -1.78
CA VAL D 38 -15.67 30.57 -1.57
C VAL D 38 -15.90 30.83 -0.09
N ASN D 39 -16.12 29.77 0.69
CA ASN D 39 -16.18 29.85 2.15
C ASN D 39 -14.77 29.54 2.66
N GLU D 40 -13.98 30.59 2.86
CA GLU D 40 -12.55 30.40 3.11
C GLU D 40 -12.28 29.77 4.47
N ASN D 41 -13.13 30.05 5.47
CA ASN D 41 -12.97 29.40 6.76
C ASN D 41 -13.04 27.88 6.64
N LYS D 42 -13.95 27.39 5.78
CA LYS D 42 -14.10 25.95 5.60
C LYS D 42 -12.85 25.35 4.96
N ALA D 43 -12.35 25.99 3.90
CA ALA D 43 -11.14 25.50 3.25
C ALA D 43 -9.97 25.48 4.23
N LYS D 44 -9.86 26.52 5.08
CA LYS D 44 -8.76 26.57 6.04
C LYS D 44 -8.89 25.45 7.07
N GLY D 45 -10.11 25.25 7.60
CA GLY D 45 -10.30 24.18 8.56
C GLY D 45 -9.97 22.82 7.99
N GLU D 46 -10.35 22.58 6.73
CA GLU D 46 -10.04 21.30 6.10
C GLU D 46 -8.55 21.14 5.88
N VAL D 47 -7.87 22.20 5.43
CA VAL D 47 -6.42 22.13 5.29
C VAL D 47 -5.78 21.73 6.61
N MET D 48 -6.22 22.37 7.71
CA MET D 48 -5.64 22.07 9.01
C MET D 48 -5.90 20.64 9.45
N ASP D 49 -7.15 20.18 9.32
CA ASP D 49 -7.49 18.83 9.76
C ASP D 49 -6.76 17.78 8.93
N LEU D 50 -6.53 18.06 7.64
CA LEU D 50 -5.79 17.10 6.82
C LEU D 50 -4.31 17.11 7.17
N ASN D 51 -3.73 18.28 7.46
CA ASN D 51 -2.31 18.33 7.81
C ASN D 51 -2.04 17.70 9.16
N HIS D 52 -3.01 17.78 10.08
CA HIS D 52 -2.78 17.29 11.44
C HIS D 52 -2.58 15.78 11.51
N GLY D 53 -2.87 15.06 10.43
CA GLY D 53 -2.70 13.62 10.43
C GLY D 53 -1.48 13.10 9.71
N GLN D 54 -0.58 13.98 9.25
CA GLN D 54 0.53 13.54 8.41
C GLN D 54 1.33 12.43 9.08
N MET D 55 1.41 12.43 10.41
CA MET D 55 2.18 11.42 11.11
C MET D 55 1.72 10.01 10.76
N PHE D 56 0.44 9.84 10.44
CA PHE D 56 -0.13 8.51 10.23
C PHE D 56 -0.12 8.10 8.76
N LEU D 57 0.37 8.95 7.86
CA LEU D 57 0.34 8.63 6.43
C LEU D 57 1.60 7.89 6.01
N LYS D 58 1.47 7.15 4.90
CA LYS D 58 2.65 6.50 4.32
C LYS D 58 3.65 7.53 3.80
N LYS D 59 3.15 8.57 3.13
CA LYS D 59 4.01 9.63 2.61
C LYS D 59 3.50 10.98 3.09
N ASN D 60 4.44 11.90 3.33
CA ASN D 60 4.08 13.30 3.56
C ASN D 60 3.59 13.93 2.26
N ILE D 61 2.72 14.93 2.40
CA ILE D 61 2.17 15.65 1.26
C ILE D 61 1.91 17.09 1.69
N ASN D 62 2.26 18.03 0.82
CA ASN D 62 2.02 19.46 1.09
C ASN D 62 0.55 19.77 0.82
N VAL D 63 -0.21 20.06 1.86
CA VAL D 63 -1.61 20.45 1.75
C VAL D 63 -1.70 21.94 2.02
N LEU D 64 -2.21 22.70 1.05
CA LEU D 64 -2.16 24.16 1.11
C LEU D 64 -3.54 24.76 0.93
N PHE D 65 -3.79 25.86 1.64
CA PHE D 65 -4.90 26.75 1.36
C PHE D 65 -4.52 27.66 0.19
N GLY D 66 -5.41 27.79 -0.78
CA GLY D 66 -5.05 28.36 -2.05
C GLY D 66 -5.95 29.52 -2.48
N THR D 67 -5.45 30.25 -3.48
CA THR D 67 -6.21 31.20 -4.27
C THR D 67 -6.09 30.77 -5.73
N TYR D 68 -6.84 31.44 -6.60
CA TYR D 68 -6.80 31.06 -8.01
C TYR D 68 -5.42 31.26 -8.62
N LYS D 69 -4.59 32.12 -8.03
CA LYS D 69 -3.21 32.25 -8.52
C LYS D 69 -2.50 30.90 -8.53
N ASP D 70 -2.92 29.97 -7.67
CA ASP D 70 -2.25 28.68 -7.58
C ASP D 70 -2.53 27.78 -8.78
N CYS D 71 -3.57 28.10 -9.57
CA CYS D 71 -3.85 27.26 -10.73
C CYS D 71 -2.87 27.49 -11.87
N ALA D 72 -2.04 28.53 -11.80
CA ALA D 72 -1.18 28.87 -12.93
C ALA D 72 -0.37 27.66 -13.39
N ASN D 73 0.25 26.94 -12.45
CA ASN D 73 1.11 25.82 -12.77
C ASN D 73 0.59 24.51 -12.18
N ALA D 74 -0.72 24.41 -11.99
CA ALA D 74 -1.33 23.19 -11.52
C ALA D 74 -1.44 22.19 -12.66
N ASP D 75 -1.23 20.92 -12.34
CA ASP D 75 -1.35 19.87 -13.36
C ASP D 75 -2.76 19.33 -13.45
N ILE D 76 -3.51 19.26 -12.35
CA ILE D 76 -4.91 18.86 -12.40
C ILE D 76 -5.76 19.82 -11.59
N VAL D 77 -6.95 20.12 -12.09
CA VAL D 77 -7.93 20.93 -11.36
C VAL D 77 -9.20 20.10 -11.19
N VAL D 78 -9.54 19.81 -9.94
CA VAL D 78 -10.71 19.03 -9.59
C VAL D 78 -11.79 19.97 -9.09
N ILE D 79 -12.98 19.91 -9.70
CA ILE D 79 -14.07 20.81 -9.35
C ILE D 79 -15.20 19.99 -8.74
N THR D 80 -15.53 20.29 -7.48
CA THR D 80 -16.67 19.71 -6.80
C THR D 80 -17.56 20.78 -6.19
N ALA D 81 -17.41 22.04 -6.62
CA ALA D 81 -18.21 23.13 -6.10
C ALA D 81 -19.62 23.08 -6.69
N GLY D 82 -20.59 23.50 -5.88
CA GLY D 82 -21.96 23.57 -6.33
C GLY D 82 -22.97 23.12 -5.29
N LEU D 83 -24.24 23.41 -5.52
CA LEU D 83 -25.32 23.01 -4.58
C LEU D 83 -25.55 21.50 -4.61
N ASN D 84 -25.66 20.87 -3.44
CA ASN D 84 -26.00 19.42 -3.34
C ASN D 84 -27.51 19.35 -3.56
N GLN D 85 -28.05 18.23 -4.02
CA GLN D 85 -29.48 18.14 -4.42
C GLN D 85 -30.33 17.27 -3.49
N LYS D 86 -31.35 17.85 -2.85
CA LYS D 86 -32.37 17.04 -2.11
C LYS D 86 -33.20 16.33 -3.19
N PRO D 87 -33.66 16.99 -4.29
CA PRO D 87 -34.53 16.37 -5.28
C PRO D 87 -33.73 15.94 -6.52
N GLY D 88 -34.14 16.28 -7.73
CA GLY D 88 -33.47 15.86 -8.98
C GLY D 88 -32.09 16.44 -9.15
N GLU D 89 -31.11 15.63 -9.55
CA GLU D 89 -29.73 16.11 -9.82
C GLU D 89 -29.80 16.94 -11.08
N THR D 90 -30.61 16.53 -12.05
CA THR D 90 -30.65 17.22 -13.35
C THR D 90 -31.84 18.15 -13.38
N ARG D 91 -32.11 18.89 -12.30
CA ARG D 91 -33.17 19.92 -12.32
C ARG D 91 -32.62 21.03 -13.20
N LEU D 92 -33.47 21.78 -13.90
CA LEU D 92 -33.04 22.91 -14.75
C LEU D 92 -32.70 24.08 -13.82
N ASP D 93 -33.33 24.15 -12.64
CA ASP D 93 -32.94 25.15 -11.67
C ASP D 93 -31.53 24.87 -11.14
N LEU D 94 -31.27 23.62 -10.74
CA LEU D 94 -29.93 23.26 -10.28
C LEU D 94 -28.91 23.44 -11.38
N VAL D 95 -29.26 23.05 -12.60
CA VAL D 95 -28.38 23.26 -13.74
C VAL D 95 -28.02 24.74 -13.85
N ASP D 96 -29.02 25.61 -13.73
CA ASP D 96 -28.78 27.05 -13.91
C ASP D 96 -27.87 27.60 -12.80
N LYS D 97 -28.20 27.29 -11.55
CA LYS D 97 -27.40 27.78 -10.43
C LYS D 97 -25.95 27.33 -10.57
N ASN D 98 -25.73 26.02 -10.76
CA ASN D 98 -24.36 25.52 -10.81
C ASN D 98 -23.65 25.94 -12.09
N SER D 99 -24.39 26.20 -13.16
CA SER D 99 -23.77 26.75 -14.37
C SER D 99 -23.26 28.16 -14.11
N LYS D 100 -24.02 28.97 -13.38
CA LYS D 100 -23.54 30.30 -13.03
C LYS D 100 -22.30 30.22 -12.14
N ILE D 101 -22.28 29.29 -11.20
CA ILE D 101 -21.07 29.11 -10.39
C ILE D 101 -19.89 28.71 -11.27
N PHE D 102 -20.12 27.78 -12.19
CA PHE D 102 -19.03 27.27 -13.02
C PHE D 102 -18.48 28.34 -13.94
N LYS D 103 -19.33 29.23 -14.44
CA LYS D 103 -18.85 30.32 -15.29
C LYS D 103 -17.73 31.09 -14.58
N ASP D 104 -18.00 31.55 -13.35
CA ASP D 104 -17.02 32.28 -12.58
C ASP D 104 -15.77 31.44 -12.31
N ILE D 105 -15.97 30.20 -11.85
CA ILE D 105 -14.82 29.37 -11.50
C ILE D 105 -13.91 29.18 -12.71
N ILE D 106 -14.49 28.77 -13.83
CA ILE D 106 -13.71 28.48 -15.03
C ILE D 106 -13.01 29.74 -15.53
N THR D 107 -13.69 30.89 -15.48
CA THR D 107 -13.05 32.12 -15.93
C THR D 107 -11.81 32.41 -15.09
N ASN D 108 -11.93 32.32 -13.77
CA ASN D 108 -10.76 32.59 -12.91
C ASN D 108 -9.65 31.59 -13.17
N VAL D 109 -9.98 30.30 -13.28
CA VAL D 109 -8.98 29.28 -13.53
C VAL D 109 -8.23 29.57 -14.83
N VAL D 110 -8.98 29.84 -15.91
CA VAL D 110 -8.36 30.01 -17.21
C VAL D 110 -7.52 31.28 -17.24
N SER D 111 -8.01 32.35 -16.60
CA SER D 111 -7.23 33.58 -16.54
C SER D 111 -5.95 33.40 -15.73
N SER D 112 -5.90 32.38 -14.87
CA SER D 112 -4.66 32.12 -14.12
C SER D 112 -3.51 31.65 -15.00
N GLY D 113 -3.79 31.16 -16.21
CA GLY D 113 -2.77 30.55 -17.04
C GLY D 113 -2.75 29.03 -17.00
N PHE D 114 -3.63 28.42 -16.21
CA PHE D 114 -3.70 26.96 -16.13
C PHE D 114 -3.84 26.35 -17.52
N ASP D 115 -3.15 25.21 -17.73
CA ASP D 115 -3.31 24.47 -18.97
C ASP D 115 -3.23 22.96 -18.74
N GLY D 116 -3.69 22.49 -17.59
CA GLY D 116 -3.67 21.06 -17.29
C GLY D 116 -4.98 20.37 -17.61
N ILE D 117 -5.39 19.45 -16.74
CA ILE D 117 -6.55 18.59 -16.98
C ILE D 117 -7.64 18.95 -15.97
N PHE D 118 -8.86 19.10 -16.48
CA PHE D 118 -10.04 19.30 -15.63
C PHE D 118 -10.64 17.95 -15.26
N VAL D 119 -10.97 17.76 -13.98
CA VAL D 119 -11.74 16.61 -13.51
C VAL D 119 -12.95 17.14 -12.77
N VAL D 120 -14.14 16.88 -13.30
CA VAL D 120 -15.38 17.51 -12.84
C VAL D 120 -16.24 16.48 -12.15
N ALA D 121 -16.76 16.84 -10.97
CA ALA D 121 -17.69 15.98 -10.25
C ALA D 121 -19.00 16.66 -9.88
N SER D 122 -19.09 17.99 -9.94
CA SER D 122 -20.31 18.67 -9.54
C SER D 122 -21.48 18.23 -10.41
N ASN D 123 -22.70 18.24 -9.82
CA ASN D 123 -23.87 17.72 -10.49
C ASN D 123 -24.67 18.83 -11.17
N PRO D 124 -25.38 18.51 -12.27
CA PRO D 124 -25.42 17.22 -12.99
C PRO D 124 -24.13 17.00 -13.78
N VAL D 125 -23.40 15.91 -13.50
CA VAL D 125 -21.98 15.86 -13.84
C VAL D 125 -21.76 15.88 -15.35
N ASP D 126 -22.64 15.27 -16.13
CA ASP D 126 -22.45 15.26 -17.58
C ASP D 126 -22.61 16.67 -18.17
N ILE D 127 -23.64 17.39 -17.74
CA ILE D 127 -23.84 18.75 -18.22
C ILE D 127 -22.75 19.68 -17.70
N MET D 128 -22.27 19.44 -16.48
CA MET D 128 -21.21 20.29 -15.94
C MET D 128 -19.89 20.04 -16.67
N THR D 129 -19.62 18.79 -17.06
CA THR D 129 -18.47 18.51 -17.92
C THR D 129 -18.61 19.26 -19.25
N TYR D 130 -19.81 19.23 -19.84
CA TYR D 130 -20.04 19.98 -21.07
C TYR D 130 -19.75 21.46 -20.88
N VAL D 131 -20.27 22.04 -19.80
CA VAL D 131 -20.09 23.47 -19.57
C VAL D 131 -18.62 23.80 -19.32
N THR D 132 -17.92 22.94 -18.60
CA THR D 132 -16.50 23.15 -18.39
C THR D 132 -15.77 23.23 -19.72
N MET D 133 -16.03 22.25 -20.59
CA MET D 133 -15.37 22.25 -21.90
C MET D 133 -15.71 23.51 -22.68
N LYS D 134 -16.96 23.97 -22.61
CA LYS D 134 -17.36 25.11 -23.43
C LYS D 134 -16.76 26.41 -22.90
N TYR D 135 -16.89 26.66 -21.60
CA TYR D 135 -16.37 27.90 -21.04
C TYR D 135 -14.84 27.95 -21.11
N SER D 136 -14.17 26.81 -20.98
CA SER D 136 -12.71 26.84 -20.91
C SER D 136 -12.06 26.86 -22.29
N LYS D 137 -12.71 26.29 -23.29
CA LYS D 137 -12.18 26.13 -24.64
C LYS D 137 -11.04 25.11 -24.72
N PHE D 138 -10.85 24.29 -23.69
CA PHE D 138 -9.77 23.31 -23.70
C PHE D 138 -10.06 22.20 -24.69
N PRO D 139 -9.03 21.45 -25.10
CA PRO D 139 -9.28 20.26 -25.93
C PRO D 139 -10.14 19.27 -25.18
N ILE D 140 -10.93 18.49 -25.95
CA ILE D 140 -11.92 17.62 -25.32
C ILE D 140 -11.24 16.54 -24.49
N HIS D 141 -10.03 16.14 -24.86
CA HIS D 141 -9.32 15.10 -24.13
C HIS D 141 -8.70 15.59 -22.83
N LYS D 142 -8.79 16.89 -22.53
CA LYS D 142 -8.30 17.45 -21.28
C LYS D 142 -9.42 17.78 -20.31
N VAL D 143 -10.66 17.37 -20.62
CA VAL D 143 -11.82 17.63 -19.78
C VAL D 143 -12.45 16.29 -19.45
N ILE D 144 -12.40 15.90 -18.18
CA ILE D 144 -12.91 14.62 -17.70
C ILE D 144 -14.01 14.89 -16.68
N GLY D 145 -15.08 14.11 -16.77
CA GLY D 145 -16.09 14.12 -15.72
C GLY D 145 -16.18 12.74 -15.11
N THR D 146 -16.73 12.62 -13.90
CA THR D 146 -16.78 11.31 -13.25
C THR D 146 -17.87 10.43 -13.86
N GLY D 147 -18.92 11.04 -14.41
CA GLY D 147 -19.89 10.27 -15.18
C GLY D 147 -20.52 9.17 -14.36
N THR D 148 -20.52 7.96 -14.91
CA THR D 148 -21.18 6.82 -14.28
C THR D 148 -20.22 5.96 -13.47
N ILE D 149 -19.08 6.50 -13.06
CA ILE D 149 -18.14 5.73 -12.25
C ILE D 149 -18.78 5.33 -10.92
N LEU D 150 -19.52 6.26 -10.31
CA LEU D 150 -20.17 5.96 -9.03
C LEU D 150 -21.31 4.96 -9.20
N ASP D 151 -22.14 5.15 -10.23
CA ASP D 151 -23.21 4.19 -10.49
C ASP D 151 -22.65 2.80 -10.77
N THR D 152 -21.53 2.72 -11.50
CA THR D 152 -20.91 1.43 -11.77
C THR D 152 -20.37 0.81 -10.50
N SER D 153 -19.78 1.62 -9.61
CA SER D 153 -19.31 1.09 -8.33
C SER D 153 -20.47 0.50 -7.54
N ARG D 154 -21.61 1.20 -7.49
CA ARG D 154 -22.78 0.68 -6.78
C ARG D 154 -23.26 -0.63 -7.41
N LEU D 155 -23.37 -0.65 -8.74
CA LEU D 155 -23.79 -1.86 -9.43
C LEU D 155 -22.90 -3.03 -9.09
N ARG D 156 -21.59 -2.84 -9.16
CA ARG D 156 -20.67 -3.93 -8.89
C ARG D 156 -20.74 -4.37 -7.43
N TYR D 157 -20.99 -3.44 -6.51
CA TYR D 157 -21.21 -3.86 -5.13
C TYR D 157 -22.43 -4.77 -5.02
N PHE D 158 -23.54 -4.34 -5.62
CA PHE D 158 -24.78 -5.13 -5.50
C PHE D 158 -24.60 -6.52 -6.09
N LEU D 159 -23.93 -6.61 -7.25
CA LEU D 159 -23.71 -7.92 -7.86
C LEU D 159 -22.75 -8.76 -7.04
N SER D 160 -21.71 -8.14 -6.47
CA SER D 160 -20.77 -8.87 -5.63
C SER D 160 -21.49 -9.44 -4.41
N ASP D 161 -22.43 -8.69 -3.84
CA ASP D 161 -23.19 -9.19 -2.70
C ASP D 161 -24.13 -10.31 -3.13
N HIS D 162 -24.73 -10.19 -4.31
CA HIS D 162 -25.64 -11.24 -4.77
C HIS D 162 -24.89 -12.57 -4.96
N PHE D 163 -23.74 -12.53 -5.64
CA PHE D 163 -23.01 -13.74 -5.95
C PHE D 163 -21.94 -14.10 -4.93
N ASN D 164 -21.73 -13.26 -3.92
CA ASN D 164 -20.62 -13.42 -2.97
C ASN D 164 -19.31 -13.65 -3.71
N VAL D 165 -19.00 -12.72 -4.60
CA VAL D 165 -17.78 -12.73 -5.39
C VAL D 165 -17.13 -11.35 -5.28
N ASN D 166 -15.80 -11.32 -5.25
CA ASN D 166 -15.09 -10.05 -5.15
C ASN D 166 -15.52 -9.11 -6.27
N THR D 167 -15.63 -7.82 -5.93
CA THR D 167 -15.97 -6.83 -6.95
C THR D 167 -14.97 -6.85 -8.10
N GLN D 168 -13.74 -7.30 -7.83
CA GLN D 168 -12.71 -7.35 -8.87
C GLN D 168 -13.19 -8.12 -10.10
N ASN D 169 -13.97 -9.18 -9.88
CA ASN D 169 -14.36 -10.07 -10.96
C ASN D 169 -15.74 -9.75 -11.52
N ILE D 170 -16.33 -8.63 -11.13
CA ILE D 170 -17.65 -8.22 -11.60
C ILE D 170 -17.44 -7.26 -12.76
N HIS D 171 -17.76 -7.71 -13.97
CA HIS D 171 -17.48 -6.95 -15.19
C HIS D 171 -18.82 -6.50 -15.80
N SER D 172 -19.28 -5.36 -15.32
CA SER D 172 -20.51 -4.75 -15.81
C SER D 172 -20.38 -3.23 -15.66
N TYR D 173 -21.16 -2.51 -16.47
CA TYR D 173 -21.14 -1.06 -16.46
C TYR D 173 -22.55 -0.51 -16.28
N ILE D 174 -22.61 0.69 -15.70
CA ILE D 174 -23.72 1.62 -15.88
C ILE D 174 -23.29 2.64 -16.93
N MET D 175 -24.14 2.95 -17.89
CA MET D 175 -23.79 3.89 -18.98
C MET D 175 -24.96 4.86 -19.20
N GLY D 176 -24.72 5.93 -19.94
CA GLY D 176 -25.73 6.98 -20.13
C GLY D 176 -25.58 8.05 -19.08
N GLU D 177 -26.60 8.86 -18.88
CA GLU D 177 -26.55 10.00 -17.93
C GLU D 177 -26.36 9.51 -16.50
N HIS D 178 -25.52 10.19 -15.73
CA HIS D 178 -25.40 9.91 -14.28
C HIS D 178 -26.71 10.38 -13.64
N GLY D 179 -27.68 9.47 -13.54
CA GLY D 179 -28.97 9.80 -12.95
C GLY D 179 -30.06 8.80 -13.27
N ASP D 180 -31.28 9.30 -13.44
CA ASP D 180 -32.49 8.44 -13.59
C ASP D 180 -32.62 7.79 -14.96
N SER D 181 -31.92 8.25 -15.99
CA SER D 181 -32.01 7.71 -17.38
C SER D 181 -30.89 6.71 -17.68
N SER D 182 -30.09 6.30 -16.69
CA SER D 182 -28.99 5.39 -16.92
C SER D 182 -29.52 4.00 -17.27
N PHE D 183 -28.60 3.11 -17.67
CA PHE D 183 -28.93 1.72 -17.89
C PHE D 183 -27.72 0.85 -17.60
N ALA D 184 -27.98 -0.41 -17.29
CA ALA D 184 -26.95 -1.40 -17.06
C ALA D 184 -26.72 -2.22 -18.32
N THR D 185 -25.45 -2.61 -18.54
CA THR D 185 -25.08 -3.43 -19.69
C THR D 185 -25.28 -4.92 -19.37
N TRP D 186 -26.55 -5.27 -19.12
CA TRP D 186 -26.85 -6.62 -18.68
C TRP D 186 -26.43 -7.65 -19.73
N ASP D 187 -26.64 -7.36 -21.00
CA ASP D 187 -26.40 -8.33 -22.06
C ASP D 187 -24.91 -8.56 -22.32
N GLU D 188 -24.03 -7.72 -21.79
CA GLU D 188 -22.60 -7.87 -21.96
C GLU D 188 -21.88 -8.17 -20.65
N THR D 189 -22.63 -8.45 -19.58
CA THR D 189 -22.04 -8.62 -18.26
C THR D 189 -21.43 -10.01 -18.11
N LYS D 190 -20.29 -10.06 -17.43
CA LYS D 190 -19.62 -11.30 -17.11
C LYS D 190 -19.19 -11.29 -15.65
N ILE D 191 -19.27 -12.46 -15.01
CA ILE D 191 -18.65 -12.71 -13.71
C ILE D 191 -17.36 -13.48 -13.99
N ALA D 192 -16.21 -12.83 -13.79
CA ALA D 192 -14.96 -13.36 -14.29
C ALA D 192 -15.15 -13.61 -15.79
N MET D 193 -15.02 -14.86 -16.23
CA MET D 193 -15.21 -15.19 -17.64
C MET D 193 -16.57 -15.81 -17.93
N LYS D 194 -17.48 -15.83 -16.95
CA LYS D 194 -18.75 -16.54 -17.10
C LYS D 194 -19.85 -15.54 -17.46
N PRO D 195 -20.50 -15.67 -18.63
CA PRO D 195 -21.56 -14.72 -18.96
C PRO D 195 -22.72 -14.79 -17.99
N LEU D 196 -23.38 -13.64 -17.79
CA LEU D 196 -24.52 -13.57 -16.89
C LEU D 196 -25.68 -14.41 -17.37
N SER D 197 -25.80 -14.59 -18.70
CA SER D 197 -26.87 -15.42 -19.24
C SER D 197 -26.79 -16.86 -18.73
N GLU D 198 -25.57 -17.35 -18.48
CA GLU D 198 -25.44 -18.70 -17.94
C GLU D 198 -25.93 -18.76 -16.50
N TYR D 199 -25.71 -17.69 -15.73
CA TYR D 199 -26.26 -17.63 -14.38
C TYR D 199 -27.79 -17.56 -14.42
N LEU D 200 -28.33 -16.79 -15.37
CA LEU D 200 -29.78 -16.73 -15.52
C LEU D 200 -30.35 -18.10 -15.84
N ALA D 201 -29.69 -18.84 -16.74
CA ALA D 201 -30.21 -20.15 -17.14
C ALA D 201 -30.12 -21.17 -16.00
N GLU D 202 -29.13 -21.02 -15.11
CA GLU D 202 -28.97 -21.93 -13.99
C GLU D 202 -29.79 -21.52 -12.77
N GLY D 203 -30.58 -20.45 -12.86
CA GLY D 203 -31.44 -20.07 -11.76
C GLY D 203 -30.76 -19.41 -10.59
N LYS D 204 -29.53 -18.93 -10.74
CA LYS D 204 -28.84 -18.22 -9.68
C LYS D 204 -29.16 -16.74 -9.65
N ILE D 205 -29.84 -16.23 -10.68
CA ILE D 205 -30.36 -14.86 -10.68
C ILE D 205 -31.51 -14.83 -11.68
N THR D 206 -32.41 -13.86 -11.51
CA THR D 206 -33.58 -13.74 -12.37
C THR D 206 -33.63 -12.36 -13.04
N GLU D 207 -34.47 -12.27 -14.08
CA GLU D 207 -34.65 -11.00 -14.77
C GLU D 207 -35.22 -9.94 -13.83
N LEU D 208 -36.21 -10.32 -13.02
CA LEU D 208 -36.79 -9.39 -12.06
C LEU D 208 -35.71 -8.85 -11.12
N GLU D 209 -34.79 -9.72 -10.68
CA GLU D 209 -33.73 -9.29 -9.80
C GLU D 209 -32.82 -8.27 -10.49
N LEU D 210 -32.56 -8.46 -11.78
CA LEU D 210 -31.78 -7.48 -12.53
C LEU D 210 -32.49 -6.14 -12.56
N ASP D 211 -33.79 -6.14 -12.83
CA ASP D 211 -34.56 -4.89 -12.80
C ASP D 211 -34.46 -4.22 -11.43
N GLU D 212 -34.61 -5.01 -10.36
CA GLU D 212 -34.57 -4.45 -9.01
C GLU D 212 -33.19 -3.88 -8.69
N ILE D 213 -32.13 -4.57 -9.11
CA ILE D 213 -30.77 -4.08 -8.87
C ILE D 213 -30.57 -2.75 -9.59
N HIS D 214 -31.05 -2.64 -10.82
CA HIS D 214 -30.88 -1.38 -11.53
C HIS D 214 -31.66 -0.25 -10.83
N LYS D 215 -32.88 -0.54 -10.38
CA LYS D 215 -33.63 0.48 -9.67
C LYS D 215 -32.95 0.86 -8.36
N LYS D 216 -32.27 -0.10 -7.71
CA LYS D 216 -31.48 0.22 -6.52
C LYS D 216 -30.35 1.18 -6.87
N VAL D 217 -29.68 0.94 -7.99
CA VAL D 217 -28.63 1.85 -8.43
C VAL D 217 -29.20 3.25 -8.66
N VAL D 218 -30.39 3.33 -9.25
CA VAL D 218 -30.97 4.63 -9.57
C VAL D 218 -31.39 5.36 -8.29
N ASN D 219 -31.88 4.62 -7.29
CA ASN D 219 -32.41 5.23 -6.08
C ASN D 219 -31.39 5.35 -4.95
N ALA D 220 -30.16 4.87 -5.17
CA ALA D 220 -29.15 4.86 -4.12
C ALA D 220 -28.91 6.25 -3.55
N ALA D 221 -28.68 7.24 -4.42
CA ALA D 221 -28.36 8.57 -3.94
C ALA D 221 -29.48 9.13 -3.08
N TYR D 222 -30.72 8.99 -3.55
CA TYR D 222 -31.87 9.47 -2.79
C TYR D 222 -31.93 8.81 -1.42
N GLU D 223 -31.71 7.49 -1.36
CA GLU D 223 -31.79 6.80 -0.07
C GLU D 223 -30.67 7.27 0.88
N VAL D 224 -29.44 7.37 0.37
CA VAL D 224 -28.34 7.80 1.21
C VAL D 224 -28.60 9.22 1.72
N ILE D 225 -29.13 10.08 0.85
CA ILE D 225 -29.41 11.46 1.26
C ILE D 225 -30.49 11.48 2.34
N LYS D 226 -31.52 10.64 2.20
CA LYS D 226 -32.53 10.54 3.25
C LYS D 226 -31.90 10.14 4.57
N LEU D 227 -30.92 9.23 4.53
CA LEU D 227 -30.46 8.61 5.78
C LEU D 227 -29.38 9.44 6.48
N LYS D 228 -28.43 9.99 5.73
CA LYS D 228 -27.30 10.68 6.33
C LYS D 228 -27.09 12.10 5.81
N GLY D 229 -27.98 12.61 4.95
CA GLY D 229 -27.94 14.00 4.46
C GLY D 229 -27.30 14.18 3.09
N ALA D 230 -26.26 13.41 2.75
CA ALA D 230 -25.52 13.55 1.47
C ALA D 230 -24.64 12.33 1.23
N THR D 231 -24.10 12.16 0.02
CA THR D 231 -23.15 11.07 -0.32
C THR D 231 -21.78 11.71 -0.57
N TYR D 232 -20.69 11.10 -0.11
CA TYR D 232 -19.33 11.63 -0.38
C TYR D 232 -18.21 10.58 -0.30
N TYR D 233 -18.38 9.43 0.35
CA TYR D 233 -17.28 8.45 0.52
C TYR D 233 -17.01 7.74 -0.81
N ALA D 234 -18.02 7.15 -1.45
CA ALA D 234 -17.82 6.38 -2.69
C ALA D 234 -17.32 7.31 -3.81
N ILE D 235 -17.86 8.52 -3.92
CA ILE D 235 -17.48 9.48 -4.99
C ILE D 235 -16.08 9.98 -4.70
N GLY D 236 -15.71 10.20 -3.46
CA GLY D 236 -14.35 10.59 -3.11
C GLY D 236 -13.33 9.56 -3.57
N LEU D 237 -13.65 8.28 -3.38
CA LEU D 237 -12.75 7.23 -3.84
C LEU D 237 -12.66 7.21 -5.37
N GLY D 238 -13.79 7.41 -6.05
CA GLY D 238 -13.76 7.43 -7.51
C GLY D 238 -12.89 8.54 -8.06
N ILE D 239 -13.01 9.73 -7.49
CA ILE D 239 -12.16 10.85 -7.90
C ILE D 239 -10.70 10.52 -7.63
N LYS D 240 -10.42 10.00 -6.42
CA LYS D 240 -9.04 9.62 -6.11
C LYS D 240 -8.48 8.66 -7.15
N ASN D 241 -9.28 7.67 -7.57
CA ASN D 241 -8.77 6.68 -8.51
C ASN D 241 -8.52 7.28 -9.88
N ILE D 242 -9.40 8.20 -10.32
CA ILE D 242 -9.15 8.90 -11.59
C ILE D 242 -7.82 9.67 -11.51
N VAL D 243 -7.63 10.42 -10.42
CA VAL D 243 -6.42 11.24 -10.30
C VAL D 243 -5.18 10.36 -10.31
N ASN D 244 -5.21 9.25 -9.57
CA ASN D 244 -4.04 8.38 -9.49
C ASN D 244 -3.77 7.70 -10.82
N ALA D 245 -4.82 7.34 -11.57
CA ALA D 245 -4.61 6.75 -12.89
C ALA D 245 -3.99 7.75 -13.85
N ILE D 246 -4.42 9.01 -13.77
CA ILE D 246 -3.83 10.04 -14.63
C ILE D 246 -2.35 10.21 -14.29
N ILE D 247 -2.05 10.50 -13.03
CA ILE D 247 -0.66 10.78 -12.67
C ILE D 247 0.22 9.56 -12.89
N GLY D 248 -0.33 8.37 -12.72
CA GLY D 248 0.42 7.15 -12.97
C GLY D 248 0.50 6.71 -14.40
N ASP D 249 -0.18 7.41 -15.32
CA ASP D 249 -0.14 7.09 -16.75
C ASP D 249 -0.49 5.63 -16.98
N GLN D 250 -1.57 5.18 -16.34
CA GLN D 250 -1.84 3.74 -16.24
C GLN D 250 -2.62 3.19 -17.43
N ASN D 251 -3.15 4.04 -18.30
CA ASN D 251 -3.89 3.59 -19.47
C ASN D 251 -5.01 2.64 -19.07
N VAL D 252 -5.80 3.06 -18.07
CA VAL D 252 -6.86 2.20 -17.55
C VAL D 252 -8.18 2.63 -18.16
N ILE D 253 -9.08 1.67 -18.38
CA ILE D 253 -10.38 1.97 -18.97
C ILE D 253 -11.38 2.19 -17.85
N LEU D 254 -12.02 3.36 -17.85
CA LEU D 254 -12.96 3.75 -16.83
C LEU D 254 -14.25 4.27 -17.45
N PRO D 255 -15.40 4.04 -16.81
CA PRO D 255 -16.65 4.65 -17.29
C PRO D 255 -16.79 6.09 -16.84
N ILE D 256 -16.25 7.03 -17.61
CA ILE D 256 -16.28 8.43 -17.21
C ILE D 256 -17.25 9.18 -18.11
N SER D 257 -17.43 10.47 -17.84
CA SER D 257 -18.11 11.37 -18.77
C SER D 257 -17.21 11.51 -20.00
N SER D 258 -17.59 10.82 -21.08
CA SER D 258 -16.81 10.82 -22.31
C SER D 258 -17.54 11.61 -23.40
N TYR D 259 -16.75 12.22 -24.28
CA TYR D 259 -17.27 13.00 -25.40
C TYR D 259 -17.54 12.04 -26.55
N ILE D 260 -18.81 11.89 -26.91
CA ILE D 260 -19.24 10.92 -27.90
C ILE D 260 -19.36 11.60 -29.26
N ASN D 261 -18.88 10.94 -30.30
CA ASN D 261 -18.86 11.50 -31.64
C ASN D 261 -18.81 10.37 -32.66
N GLY D 262 -19.90 9.59 -32.75
CA GLY D 262 -20.02 8.49 -33.69
C GLY D 262 -20.15 7.13 -33.04
N GLN D 263 -19.56 6.96 -31.86
CA GLN D 263 -19.62 5.66 -31.19
C GLN D 263 -21.06 5.30 -30.84
N TYR D 264 -21.33 4.00 -30.80
CA TYR D 264 -22.64 3.48 -30.39
C TYR D 264 -23.74 3.96 -31.32
N GLY D 265 -23.53 3.74 -32.62
CA GLY D 265 -24.57 4.01 -33.59
C GLY D 265 -24.68 5.44 -34.06
N GLY D 266 -23.66 6.25 -33.80
CA GLY D 266 -23.61 7.62 -34.31
C GLY D 266 -24.94 8.31 -34.52
N LEU D 267 -25.81 8.27 -33.50
CA LEU D 267 -27.08 8.97 -33.55
C LEU D 267 -27.00 10.33 -32.85
N ILE D 268 -26.76 10.33 -31.54
CA ILE D 268 -26.49 11.55 -30.80
C ILE D 268 -24.98 11.77 -30.78
N LYS D 269 -24.58 13.04 -30.82
CA LYS D 269 -23.16 13.38 -30.94
C LYS D 269 -22.89 14.71 -30.26
N ASP D 270 -21.63 14.89 -29.88
CA ASP D 270 -21.14 16.16 -29.31
C ASP D 270 -21.81 16.48 -27.97
N ILE D 271 -21.87 15.47 -27.11
CA ILE D 271 -22.24 15.64 -25.71
C ILE D 271 -21.35 14.74 -24.87
N TYR D 272 -21.34 15.00 -23.57
CA TYR D 272 -20.64 14.16 -22.61
C TYR D 272 -21.65 13.22 -21.97
N ILE D 273 -21.30 11.93 -21.94
CA ILE D 273 -22.20 10.91 -21.41
C ILE D 273 -21.36 9.79 -20.82
N GLY D 274 -21.96 9.05 -19.89
CA GLY D 274 -21.25 7.98 -19.23
C GLY D 274 -20.85 6.88 -20.19
N ALA D 275 -19.55 6.67 -20.39
CA ALA D 275 -19.08 5.65 -21.32
C ALA D 275 -17.64 5.30 -20.96
N PRO D 276 -17.18 4.13 -21.37
CA PRO D 276 -15.80 3.73 -21.06
C PRO D 276 -14.79 4.39 -21.98
N ALA D 277 -13.66 4.79 -21.38
CA ALA D 277 -12.59 5.47 -22.09
C ALA D 277 -11.26 5.18 -21.40
N ILE D 278 -10.19 5.29 -22.18
CA ILE D 278 -8.84 5.03 -21.68
C ILE D 278 -8.28 6.30 -21.07
N VAL D 279 -7.81 6.21 -19.82
CA VAL D 279 -7.29 7.33 -19.07
C VAL D 279 -5.80 7.14 -18.87
N CYS D 280 -5.04 8.22 -19.06
CA CYS D 280 -3.59 8.22 -19.05
C CYS D 280 -3.09 9.60 -18.60
N LYS D 281 -1.77 9.76 -18.58
CA LYS D 281 -1.17 11.02 -18.18
C LYS D 281 -1.60 12.18 -19.06
N GLU D 282 -1.99 11.90 -20.30
CA GLU D 282 -2.39 12.92 -21.26
C GLU D 282 -3.82 13.40 -21.08
N GLY D 283 -4.62 12.66 -20.32
CA GLY D 283 -6.04 12.97 -20.21
C GLY D 283 -6.87 11.79 -20.67
N VAL D 284 -7.82 12.03 -21.57
CA VAL D 284 -8.57 10.95 -22.21
C VAL D 284 -7.81 10.55 -23.47
N LYS D 285 -7.38 9.29 -23.54
CA LYS D 285 -6.66 8.82 -24.71
C LYS D 285 -7.57 8.35 -25.83
N GLU D 286 -8.75 7.82 -25.49
CA GLU D 286 -9.67 7.33 -26.50
C GLU D 286 -10.99 6.94 -25.84
N VAL D 287 -12.08 7.29 -26.50
CA VAL D 287 -13.40 6.77 -26.13
C VAL D 287 -13.58 5.42 -26.81
N LEU D 288 -13.96 4.41 -26.04
CA LEU D 288 -14.08 3.07 -26.58
C LEU D 288 -15.43 2.88 -27.28
N ASN D 289 -15.45 1.96 -28.23
CA ASN D 289 -16.64 1.65 -29.01
C ASN D 289 -16.82 0.14 -29.01
N PHE D 290 -18.00 -0.33 -28.57
CA PHE D 290 -18.34 -1.74 -28.63
C PHE D 290 -19.84 -1.87 -28.81
N LYS D 291 -20.25 -3.05 -29.27
CA LYS D 291 -21.65 -3.26 -29.63
C LYS D 291 -22.48 -3.54 -28.38
N ILE D 292 -23.57 -2.80 -28.22
CA ILE D 292 -24.56 -3.07 -27.20
C ILE D 292 -25.82 -3.60 -27.88
N SER D 293 -26.66 -4.28 -27.10
CA SER D 293 -27.88 -4.86 -27.65
C SER D 293 -28.87 -3.77 -28.04
N PRO D 294 -29.78 -4.08 -28.96
CA PRO D 294 -30.74 -3.05 -29.42
C PRO D 294 -31.51 -2.37 -28.30
N LYS D 295 -32.06 -3.14 -27.35
CA LYS D 295 -32.76 -2.54 -26.22
C LYS D 295 -31.86 -1.55 -25.47
N GLU D 296 -30.60 -1.96 -25.23
CA GLU D 296 -29.69 -1.08 -24.50
C GLU D 296 -29.30 0.13 -25.35
N LEU D 297 -29.17 -0.04 -26.66
CA LEU D 297 -28.90 1.10 -27.53
C LEU D 297 -30.05 2.10 -27.50
N ASP D 298 -31.29 1.60 -27.44
CA ASP D 298 -32.44 2.49 -27.33
C ASP D 298 -32.41 3.24 -26.00
N LYS D 299 -32.11 2.54 -24.91
CA LYS D 299 -31.95 3.22 -23.63
C LYS D 299 -30.89 4.31 -23.71
N PHE D 300 -29.76 4.00 -24.35
CA PHE D 300 -28.66 4.95 -24.47
C PHE D 300 -29.07 6.18 -25.25
N ASN D 301 -29.75 5.99 -26.38
CA ASN D 301 -30.19 7.12 -27.20
C ASN D 301 -31.20 7.98 -26.43
N SER D 302 -32.11 7.34 -25.69
CA SER D 302 -33.07 8.10 -24.89
C SER D 302 -32.36 8.92 -23.82
N SER D 303 -31.34 8.35 -23.18
CA SER D 303 -30.57 9.10 -22.19
C SER D 303 -29.88 10.29 -22.82
N ALA D 304 -29.24 10.08 -23.96
CA ALA D 304 -28.56 11.16 -24.66
C ALA D 304 -29.54 12.28 -25.01
N ASN D 305 -30.75 11.93 -25.43
CA ASN D 305 -31.74 12.94 -25.76
C ASN D 305 -32.21 13.71 -24.53
N GLN D 306 -32.43 12.99 -23.41
CA GLN D 306 -32.64 13.64 -22.12
C GLN D 306 -31.61 14.73 -21.88
N LEU D 307 -30.35 14.35 -21.91
CA LEU D 307 -29.24 15.29 -21.66
C LEU D 307 -29.32 16.46 -22.63
N LYS D 308 -29.47 16.22 -23.93
CA LYS D 308 -29.43 17.30 -24.91
C LYS D 308 -30.58 18.28 -24.70
N SER D 309 -31.75 17.78 -24.33
CA SER D 309 -32.87 18.68 -24.08
C SER D 309 -32.60 19.56 -22.86
N TYR D 310 -32.05 18.97 -21.80
CA TYR D 310 -31.71 19.80 -20.63
C TYR D 310 -30.62 20.81 -20.97
N ILE D 311 -29.72 20.48 -21.88
CA ILE D 311 -28.73 21.45 -22.33
C ILE D 311 -29.42 22.57 -23.09
N ASP D 312 -30.40 22.24 -23.92
CA ASP D 312 -31.13 23.25 -24.67
C ASP D 312 -31.79 24.25 -23.73
N LYS D 313 -32.48 23.76 -22.71
CA LYS D 313 -33.22 24.67 -21.84
C LYS D 313 -32.32 25.54 -20.96
N MET D 314 -31.08 25.12 -20.72
CA MET D 314 -30.14 25.86 -19.89
C MET D 314 -30.27 27.37 -20.02
#